data_8QW3
#
_entry.id   8QW3
#
_cell.length_a   52.315
_cell.length_b   67.865
_cell.length_c   68.423
_cell.angle_alpha   108.492
_cell.angle_beta   112.343
_cell.angle_gamma   101.105
#
_symmetry.space_group_name_H-M   'P 1'
#
loop_
_entity.id
_entity.type
_entity.pdbx_description
1 polymer 'Nucleoside diphosphate kinase 3'
2 non-polymer "ADENOSINE-5'-DIPHOSPHATE"
3 non-polymer 'SULFATE ION'
4 water water
#
_entity_poly.entity_id   1
_entity_poly.type   'polypeptide(L)'
_entity_poly.pdbx_seq_one_letter_code
;GHMTGAHERTFLAVKPDGVQRRLVGEIVRRFERKGFKLVALKLVQASEELLREHYAELRERPFYGRLVKYMASGPVVAMV
WQGLDVVRTSRALIGATNPADAPPGTIRGDFCIEVGKNLIHGSDSVESARREIALWFRADELLCWEDSAGHWLYE
;
_entity_poly.pdbx_strand_id   A,B,C,D,E,F
#
loop_
_chem_comp.id
_chem_comp.type
_chem_comp.name
_chem_comp.formula
ADP non-polymer ADENOSINE-5'-DIPHOSPHATE 'C10 H15 N5 O10 P2'
SO4 non-polymer 'SULFATE ION' 'O4 S -2'
#
# COMPACT_ATOMS: atom_id res chain seq x y z
N GLY A 5 -10.59 -13.45 -27.94
CA GLY A 5 -9.42 -12.55 -27.77
C GLY A 5 -8.78 -12.65 -26.38
N ALA A 6 -9.29 -13.52 -25.48
CA ALA A 6 -8.78 -13.59 -24.13
C ALA A 6 -7.39 -14.24 -24.09
N HIS A 7 -6.98 -14.87 -25.20
CA HIS A 7 -5.68 -15.50 -25.26
C HIS A 7 -4.62 -14.60 -25.88
N GLU A 8 -4.94 -13.32 -26.13
CA GLU A 8 -3.94 -12.39 -26.63
C GLU A 8 -2.79 -12.32 -25.63
N ARG A 9 -1.56 -12.12 -26.14
CA ARG A 9 -0.36 -12.00 -25.33
C ARG A 9 0.45 -10.77 -25.70
N THR A 10 1.14 -10.19 -24.72
CA THR A 10 2.07 -9.11 -24.93
C THR A 10 3.40 -9.45 -24.29
N PHE A 11 4.46 -8.85 -24.82
CA PHE A 11 5.77 -8.90 -24.22
C PHE A 11 6.04 -7.62 -23.45
N LEU A 12 6.40 -7.80 -22.20
CA LEU A 12 6.81 -6.70 -21.32
C LEU A 12 8.19 -6.98 -20.79
N ALA A 13 8.99 -5.95 -20.61
CA ALA A 13 10.27 -6.15 -19.96
C ALA A 13 10.53 -5.00 -19.01
N VAL A 14 10.94 -5.34 -17.81
CA VAL A 14 11.45 -4.36 -16.88
C VAL A 14 12.85 -4.06 -17.30
N LYS A 15 13.11 -2.79 -17.57
CA LYS A 15 14.40 -2.33 -18.05
C LYS A 15 15.40 -2.28 -16.92
N PRO A 16 16.71 -2.06 -17.20
CA PRO A 16 17.69 -2.11 -16.12
C PRO A 16 17.41 -1.19 -14.97
N ASP A 17 16.88 -0.01 -15.28
CA ASP A 17 16.53 0.95 -14.23
C ASP A 17 15.43 0.42 -13.30
N GLY A 18 14.49 -0.36 -13.81
CA GLY A 18 13.43 -0.93 -12.97
C GLY A 18 13.98 -1.96 -11.98
N VAL A 19 14.96 -2.74 -12.46
CA VAL A 19 15.57 -3.73 -11.59
C VAL A 19 16.42 -3.02 -10.53
N GLN A 20 17.26 -2.06 -10.95
CA GLN A 20 18.15 -1.34 -10.06
C GLN A 20 17.38 -0.56 -8.99
N ARG A 21 16.21 0.00 -9.35
CA ARG A 21 15.38 0.77 -8.40
C ARG A 21 14.48 -0.13 -7.58
N ARG A 22 14.60 -1.43 -7.73
CA ARG A 22 13.81 -2.36 -6.88
C ARG A 22 12.31 -2.20 -7.14
N LEU A 23 11.90 -2.05 -8.38
CA LEU A 23 10.52 -1.90 -8.77
C LEU A 23 9.94 -3.10 -9.51
N VAL A 24 10.62 -4.26 -9.52
CA VAL A 24 10.11 -5.41 -10.26
C VAL A 24 8.78 -5.87 -9.65
N GLY A 25 8.76 -6.03 -8.32
CA GLY A 25 7.55 -6.50 -7.66
C GLY A 25 6.38 -5.56 -7.87
N GLU A 26 6.68 -4.26 -7.72
CA GLU A 26 5.62 -3.27 -7.91
C GLU A 26 5.01 -3.38 -9.28
N ILE A 27 5.87 -3.54 -10.31
CA ILE A 27 5.38 -3.64 -11.67
C ILE A 27 4.56 -4.90 -11.88
N VAL A 28 5.09 -6.04 -11.42
CA VAL A 28 4.35 -7.27 -11.59
C VAL A 28 3.00 -7.18 -10.89
N ARG A 29 2.99 -6.63 -9.68
CA ARG A 29 1.72 -6.51 -8.91
C ARG A 29 0.66 -5.68 -9.67
N ARG A 30 1.09 -4.66 -10.39
CA ARG A 30 0.12 -3.89 -11.16
C ARG A 30 -0.56 -4.70 -12.25
N PHE A 31 0.18 -5.61 -12.89
CA PHE A 31 -0.41 -6.45 -13.92
C PHE A 31 -1.24 -7.59 -13.31
N GLU A 32 -0.80 -8.12 -12.16
CA GLU A 32 -1.58 -9.13 -11.48
C GLU A 32 -2.89 -8.56 -10.98
N ARG A 33 -2.85 -7.35 -10.40
CA ARG A 33 -4.06 -6.80 -9.79
C ARG A 33 -5.08 -6.43 -10.88
N LYS A 34 -4.60 -6.15 -12.08
CA LYS A 34 -5.46 -5.87 -13.22
C LYS A 34 -6.24 -7.08 -13.67
N GLY A 35 -5.63 -8.27 -13.47
CA GLY A 35 -6.25 -9.53 -13.81
C GLY A 35 -5.57 -10.29 -14.96
N PHE A 36 -4.45 -9.78 -15.45
CA PHE A 36 -3.76 -10.50 -16.53
C PHE A 36 -3.06 -11.72 -15.96
N LYS A 37 -2.78 -12.66 -16.87
CA LYS A 37 -2.19 -13.94 -16.54
C LYS A 37 -0.72 -13.94 -16.96
N LEU A 38 0.16 -14.20 -16.02
CA LEU A 38 1.58 -14.28 -16.31
C LEU A 38 1.86 -15.66 -16.88
N VAL A 39 2.35 -15.68 -18.12
CA VAL A 39 2.64 -16.94 -18.79
C VAL A 39 4.11 -17.17 -19.12
N ALA A 40 4.97 -16.17 -18.95
CA ALA A 40 6.40 -16.39 -19.03
C ALA A 40 7.11 -15.33 -18.22
N LEU A 41 8.29 -15.66 -17.71
CA LEU A 41 9.06 -14.78 -16.87
C LEU A 41 10.50 -15.24 -16.81
N LYS A 42 11.42 -14.34 -16.95
CA LYS A 42 12.81 -14.63 -16.65
C LYS A 42 13.64 -13.37 -16.52
N LEU A 43 14.61 -13.43 -15.61
CA LEU A 43 15.67 -12.45 -15.48
C LEU A 43 16.79 -12.82 -16.44
N VAL A 44 17.15 -11.89 -17.31
CA VAL A 44 18.13 -12.15 -18.35
C VAL A 44 18.99 -10.93 -18.59
N GLN A 45 20.12 -11.13 -19.27
CA GLN A 45 20.85 -10.02 -19.84
C GLN A 45 20.91 -10.28 -21.34
N ALA A 46 20.31 -9.36 -22.11
CA ALA A 46 20.20 -9.51 -23.54
C ALA A 46 21.47 -9.02 -24.23
N SER A 47 21.79 -9.66 -25.36
CA SER A 47 22.89 -9.22 -26.19
C SER A 47 22.50 -8.02 -27.05
N GLU A 48 23.51 -7.28 -27.51
CA GLU A 48 23.27 -6.16 -28.38
C GLU A 48 22.63 -6.67 -29.65
N GLU A 49 23.01 -7.88 -30.11
CA GLU A 49 22.51 -8.44 -31.35
C GLU A 49 20.99 -8.67 -31.25
N LEU A 50 20.58 -9.25 -30.12
CA LEU A 50 19.15 -9.44 -29.90
C LEU A 50 18.43 -8.10 -29.82
N LEU A 51 19.03 -7.14 -29.08
CA LEU A 51 18.40 -5.86 -28.93
C LEU A 51 18.33 -5.05 -30.20
N ARG A 52 19.32 -5.17 -31.05
CA ARG A 52 19.27 -4.46 -32.33
C ARG A 52 18.05 -4.94 -33.12
N GLU A 53 17.74 -6.22 -33.05
CA GLU A 53 16.60 -6.77 -33.75
C GLU A 53 15.29 -6.36 -33.04
N HIS A 54 15.30 -6.43 -31.72
CA HIS A 54 14.13 -6.03 -30.95
C HIS A 54 13.66 -4.63 -31.36
N TYR A 55 14.62 -3.70 -31.42
CA TYR A 55 14.33 -2.32 -31.75
C TYR A 55 14.60 -1.94 -33.21
N ALA A 56 14.47 -2.89 -34.12
CA ALA A 56 14.89 -2.69 -35.50
C ALA A 56 14.06 -1.58 -36.15
N GLU A 57 12.79 -1.36 -35.74
CA GLU A 57 12.00 -0.28 -36.33
C GLU A 57 12.58 1.11 -36.01
N LEU A 58 13.44 1.21 -35.00
CA LEU A 58 13.99 2.47 -34.53
C LEU A 58 15.40 2.70 -35.01
N ARG A 59 15.83 1.90 -36.00
CA ARG A 59 17.24 1.88 -36.40
C ARG A 59 17.71 3.22 -36.97
N GLU A 60 16.81 4.06 -37.49
CA GLU A 60 17.21 5.34 -38.03
C GLU A 60 17.13 6.46 -37.01
N ARG A 61 16.54 6.20 -35.83
CA ARG A 61 16.37 7.22 -34.80
C ARG A 61 17.73 7.52 -34.17
N PRO A 62 17.99 8.78 -33.79
CA PRO A 62 19.33 9.11 -33.31
C PRO A 62 19.72 8.46 -31.99
N PHE A 63 18.74 7.96 -31.23
CA PHE A 63 19.02 7.35 -29.93
C PHE A 63 19.17 5.82 -30.03
N TYR A 64 19.05 5.24 -31.23
CA TYR A 64 18.98 3.79 -31.37
C TYR A 64 20.19 3.12 -30.74
N GLY A 65 21.39 3.58 -31.09
CA GLY A 65 22.61 2.98 -30.56
C GLY A 65 22.68 3.03 -29.03
N ARG A 66 22.36 4.19 -28.46
CA ARG A 66 22.40 4.39 -27.02
C ARG A 66 21.39 3.47 -26.31
N LEU A 67 20.22 3.30 -26.93
CA LEU A 67 19.14 2.52 -26.38
C LEU A 67 19.56 1.05 -26.32
N VAL A 68 20.13 0.58 -27.42
CA VAL A 68 20.57 -0.81 -27.51
C VAL A 68 21.65 -1.04 -26.44
N LYS A 69 22.64 -0.13 -26.39
CA LYS A 69 23.77 -0.34 -25.48
C LYS A 69 23.28 -0.33 -24.03
N TYR A 70 22.33 0.56 -23.71
CA TYR A 70 21.80 0.66 -22.37
C TYR A 70 21.00 -0.59 -22.00
N MET A 71 20.12 -1.04 -22.90
CA MET A 71 19.30 -2.21 -22.60
C MET A 71 20.14 -3.49 -22.46
N ALA A 72 21.35 -3.53 -23.09
CA ALA A 72 22.29 -4.63 -22.94
C ALA A 72 23.19 -4.51 -21.72
N SER A 73 23.11 -3.39 -20.99
CA SER A 73 24.13 -3.04 -20.02
C SER A 73 23.90 -3.72 -18.67
N GLY A 74 22.67 -4.23 -18.44
CA GLY A 74 22.30 -4.74 -17.14
C GLY A 74 21.13 -5.70 -17.24
N PRO A 75 20.77 -6.44 -16.17
CA PRO A 75 19.65 -7.36 -16.24
C PRO A 75 18.31 -6.69 -16.49
N VAL A 76 17.48 -7.44 -17.19
CA VAL A 76 16.10 -7.07 -17.45
C VAL A 76 15.22 -8.23 -17.08
N VAL A 77 13.97 -7.91 -16.73
CA VAL A 77 13.01 -8.92 -16.42
C VAL A 77 12.03 -9.08 -17.57
N ALA A 78 12.20 -10.12 -18.37
CA ALA A 78 11.36 -10.38 -19.51
C ALA A 78 10.10 -11.13 -19.12
N MET A 79 8.94 -10.74 -19.67
CA MET A 79 7.66 -11.31 -19.28
C MET A 79 6.71 -11.43 -20.46
N VAL A 80 5.80 -12.39 -20.35
CA VAL A 80 4.66 -12.47 -21.23
C VAL A 80 3.42 -12.49 -20.34
N TRP A 81 2.46 -11.63 -20.71
CA TRP A 81 1.18 -11.55 -20.05
C TRP A 81 0.05 -11.81 -21.04
N GLN A 82 -1.00 -12.47 -20.57
CA GLN A 82 -2.08 -12.92 -21.40
C GLN A 82 -3.39 -12.34 -20.88
N GLY A 83 -4.23 -11.94 -21.82
CA GLY A 83 -5.62 -11.59 -21.50
C GLY A 83 -6.22 -10.70 -22.56
N LEU A 84 -7.53 -10.45 -22.42
CA LEU A 84 -8.24 -9.66 -23.38
C LEU A 84 -7.63 -8.27 -23.52
N ASP A 85 -7.31 -7.86 -24.76
CA ASP A 85 -6.80 -6.54 -25.06
C ASP A 85 -5.53 -6.24 -24.29
N VAL A 86 -4.76 -7.28 -23.91
CA VAL A 86 -3.61 -7.06 -23.06
C VAL A 86 -2.58 -6.11 -23.68
N VAL A 87 -2.39 -6.16 -25.01
CA VAL A 87 -1.37 -5.28 -25.58
C VAL A 87 -1.73 -3.81 -25.32
N ARG A 88 -2.89 -3.43 -25.81
CA ARG A 88 -3.32 -2.01 -25.70
C ARG A 88 -3.46 -1.60 -24.23
N THR A 89 -3.99 -2.50 -23.40
CA THR A 89 -4.23 -2.11 -22.01
C THR A 89 -2.92 -1.99 -21.27
N SER A 90 -1.97 -2.89 -21.57
CA SER A 90 -0.67 -2.81 -20.93
C SER A 90 -0.02 -1.47 -21.26
N ARG A 91 -0.11 -1.04 -22.52
N ARG A 91 -0.11 -1.04 -22.52
CA ARG A 91 0.47 0.26 -22.89
CA ARG A 91 0.47 0.26 -22.89
C ARG A 91 -0.19 1.39 -22.06
C ARG A 91 -0.19 1.39 -22.06
N ALA A 92 -1.49 1.26 -21.84
CA ALA A 92 -2.16 2.30 -21.05
C ALA A 92 -1.66 2.30 -19.61
N LEU A 93 -1.45 1.11 -19.03
CA LEU A 93 -0.96 1.02 -17.67
C LEU A 93 0.46 1.56 -17.53
N ILE A 94 1.27 1.33 -18.57
CA ILE A 94 2.62 1.80 -18.56
C ILE A 94 2.71 3.33 -18.67
N GLY A 95 1.93 3.86 -19.59
CA GLY A 95 1.93 5.29 -19.82
C GLY A 95 2.83 5.73 -20.96
N ALA A 96 2.70 7.00 -21.33
CA ALA A 96 3.37 7.60 -22.47
C ALA A 96 4.87 7.33 -22.42
N THR A 97 5.46 7.21 -23.62
CA THR A 97 6.89 6.98 -23.75
C THR A 97 7.73 7.95 -22.94
N ASN A 98 7.42 9.24 -23.10
CA ASN A 98 8.03 10.27 -22.29
C ASN A 98 7.24 10.40 -20.99
N PRO A 99 7.85 10.07 -19.82
CA PRO A 99 7.14 10.17 -18.54
C PRO A 99 6.57 11.55 -18.25
N ALA A 100 7.11 12.60 -18.87
CA ALA A 100 6.55 13.94 -18.73
C ALA A 100 5.09 13.99 -19.20
N ASP A 101 4.73 13.15 -20.15
CA ASP A 101 3.43 13.09 -20.77
C ASP A 101 2.53 12.03 -20.11
N ALA A 102 3.09 11.21 -19.20
CA ALA A 102 2.38 10.07 -18.63
C ALA A 102 1.67 10.54 -17.35
N PRO A 103 0.35 10.42 -17.25
CA PRO A 103 -0.31 10.91 -16.06
C PRO A 103 -0.01 10.08 -14.84
N PRO A 104 -0.14 10.69 -13.66
CA PRO A 104 -0.11 9.93 -12.42
C PRO A 104 -1.16 8.80 -12.48
N GLY A 105 -0.83 7.66 -11.92
CA GLY A 105 -1.62 6.46 -12.02
C GLY A 105 -1.02 5.43 -12.97
N THR A 106 -0.29 5.92 -13.96
CA THR A 106 0.47 5.03 -14.84
C THR A 106 1.79 4.71 -14.17
N ILE A 107 2.46 3.66 -14.66
CA ILE A 107 3.77 3.28 -14.14
C ILE A 107 4.78 4.41 -14.36
N ARG A 108 4.84 4.90 -15.60
CA ARG A 108 5.83 5.95 -15.89
C ARG A 108 5.43 7.26 -15.19
N GLY A 109 4.13 7.52 -15.09
CA GLY A 109 3.64 8.72 -14.41
C GLY A 109 3.95 8.73 -12.92
N ASP A 110 3.93 7.55 -12.31
CA ASP A 110 4.18 7.48 -10.89
C ASP A 110 5.66 7.41 -10.54
N PHE A 111 6.48 6.82 -11.46
CA PHE A 111 7.83 6.43 -11.06
C PHE A 111 8.99 7.05 -11.86
N CYS A 112 8.72 7.69 -12.98
CA CYS A 112 9.80 8.10 -13.87
C CYS A 112 9.79 9.56 -14.24
N ILE A 113 10.93 10.04 -14.73
CA ILE A 113 11.07 11.43 -15.09
C ILE A 113 11.43 11.62 -16.57
N GLU A 114 12.28 10.74 -17.11
CA GLU A 114 12.90 10.97 -18.40
C GLU A 114 12.68 9.79 -19.32
N VAL A 115 12.62 10.09 -20.62
CA VAL A 115 12.33 9.10 -21.66
C VAL A 115 13.37 7.99 -21.71
N GLY A 116 14.66 8.30 -21.45
CA GLY A 116 15.71 7.31 -21.50
C GLY A 116 15.71 6.37 -20.30
N LYS A 117 14.96 6.72 -19.24
CA LYS A 117 14.92 5.93 -18.02
C LYS A 117 13.44 5.79 -17.66
N ASN A 118 12.74 4.99 -18.45
CA ASN A 118 11.30 4.88 -18.38
C ASN A 118 10.80 3.48 -18.05
N LEU A 119 11.65 2.74 -17.34
CA LEU A 119 11.34 1.59 -16.49
C LEU A 119 10.97 0.30 -17.16
N ILE A 120 10.28 0.35 -18.29
CA ILE A 120 9.60 -0.81 -18.80
C ILE A 120 9.43 -0.66 -20.30
N HIS A 121 9.45 -1.80 -20.98
CA HIS A 121 9.06 -1.93 -22.37
C HIS A 121 7.75 -2.69 -22.46
N GLY A 122 6.84 -2.24 -23.33
CA GLY A 122 5.70 -3.03 -23.69
C GLY A 122 5.52 -3.06 -25.20
N SER A 123 5.11 -4.21 -25.74
CA SER A 123 4.83 -4.30 -27.16
C SER A 123 3.82 -3.25 -27.60
N ASP A 124 3.98 -2.75 -28.83
CA ASP A 124 3.10 -1.73 -29.30
C ASP A 124 1.87 -2.24 -30.06
N SER A 125 1.84 -3.51 -30.45
CA SER A 125 0.75 -4.07 -31.22
C SER A 125 0.76 -5.59 -31.04
N VAL A 126 -0.34 -6.22 -31.42
CA VAL A 126 -0.39 -7.68 -31.38
C VAL A 126 0.70 -8.33 -32.23
N GLU A 127 0.98 -7.75 -33.39
CA GLU A 127 2.00 -8.33 -34.30
C GLU A 127 3.38 -8.03 -33.73
N SER A 128 3.64 -6.91 -33.15
N SER A 128 3.63 -6.92 -33.15
CA SER A 128 4.93 -6.66 -32.50
CA SER A 128 4.94 -6.69 -32.56
C SER A 128 5.11 -7.60 -31.32
C SER A 128 5.12 -7.55 -31.31
N ALA A 129 4.04 -7.82 -30.54
CA ALA A 129 4.15 -8.74 -29.42
C ALA A 129 4.51 -10.15 -29.89
N ARG A 130 3.87 -10.65 -30.96
CA ARG A 130 4.17 -11.98 -31.47
C ARG A 130 5.66 -12.06 -31.81
N ARG A 131 6.18 -11.03 -32.45
CA ARG A 131 7.61 -10.98 -32.86
C ARG A 131 8.52 -10.94 -31.64
N GLU A 132 8.18 -10.10 -30.66
CA GLU A 132 9.01 -9.90 -29.47
C GLU A 132 9.01 -11.16 -28.60
N ILE A 133 7.83 -11.76 -28.43
CA ILE A 133 7.74 -12.97 -27.62
C ILE A 133 8.66 -14.05 -28.23
N ALA A 134 8.60 -14.17 -29.58
CA ALA A 134 9.43 -15.17 -30.27
C ALA A 134 10.90 -14.85 -30.09
N LEU A 135 11.27 -13.60 -30.19
CA LEU A 135 12.63 -13.18 -30.06
C LEU A 135 13.25 -13.48 -28.70
N TRP A 136 12.50 -13.24 -27.61
CA TRP A 136 13.03 -13.31 -26.27
C TRP A 136 12.88 -14.69 -25.63
N PHE A 137 11.83 -15.45 -25.99
CA PHE A 137 11.51 -16.68 -25.29
C PHE A 137 11.58 -17.86 -26.24
N ARG A 138 12.04 -18.98 -25.69
CA ARG A 138 11.83 -20.29 -26.26
C ARG A 138 10.36 -20.69 -26.08
N ALA A 139 9.83 -21.50 -26.98
CA ALA A 139 8.45 -21.91 -26.94
C ALA A 139 8.15 -22.63 -25.63
N ASP A 140 9.11 -23.39 -25.12
CA ASP A 140 8.85 -24.16 -23.91
C ASP A 140 8.87 -23.31 -22.65
N GLU A 141 9.14 -22.02 -22.79
CA GLU A 141 9.14 -21.11 -21.61
C GLU A 141 7.75 -20.48 -21.43
N LEU A 142 6.81 -20.67 -22.35
CA LEU A 142 5.47 -20.09 -22.22
C LEU A 142 4.61 -21.18 -21.65
N LEU A 143 3.98 -20.87 -20.50
CA LEU A 143 3.28 -21.92 -19.78
C LEU A 143 1.75 -21.77 -19.86
N CYS A 144 1.08 -22.91 -20.06
CA CYS A 144 -0.36 -23.09 -19.96
C CYS A 144 -0.71 -23.47 -18.53
N TRP A 145 -1.58 -22.70 -17.90
CA TRP A 145 -2.03 -23.03 -16.56
C TRP A 145 -3.49 -22.60 -16.41
N GLU A 146 -4.26 -23.34 -15.62
CA GLU A 146 -5.70 -23.13 -15.51
C GLU A 146 -5.97 -22.04 -14.48
N ASP A 147 -6.61 -20.95 -14.91
CA ASP A 147 -6.69 -19.73 -14.11
C ASP A 147 -7.94 -19.78 -13.25
N SER A 148 -7.74 -19.94 -11.94
CA SER A 148 -8.79 -20.01 -10.95
C SER A 148 -9.67 -18.77 -10.96
N ALA A 149 -9.12 -17.64 -11.40
CA ALA A 149 -9.88 -16.40 -11.37
C ALA A 149 -10.59 -16.13 -12.69
N GLY A 150 -10.43 -16.99 -13.70
CA GLY A 150 -10.94 -16.70 -15.03
C GLY A 150 -12.44 -16.43 -15.05
N HIS A 151 -13.21 -17.20 -14.28
CA HIS A 151 -14.66 -17.04 -14.22
C HIS A 151 -15.06 -15.67 -13.68
N TRP A 152 -14.18 -15.01 -12.91
CA TRP A 152 -14.50 -13.72 -12.30
C TRP A 152 -13.91 -12.54 -13.06
N LEU A 153 -13.15 -12.80 -14.11
CA LEU A 153 -12.55 -11.76 -14.95
C LEU A 153 -13.25 -11.65 -16.29
N TYR A 154 -13.82 -12.79 -16.76
CA TYR A 154 -14.41 -12.88 -18.08
C TYR A 154 -15.86 -13.35 -17.99
N GLU A 155 -16.66 -12.94 -18.97
CA GLU A 155 -18.06 -13.29 -19.00
C GLU A 155 -18.21 -14.59 -19.81
N GLY B 5 19.23 20.49 -16.47
CA GLY B 5 18.02 20.96 -15.74
C GLY B 5 17.71 20.16 -14.50
N ALA B 6 18.61 19.23 -14.11
CA ALA B 6 18.35 18.28 -13.02
C ALA B 6 18.43 18.95 -11.65
N HIS B 7 18.89 20.21 -11.61
CA HIS B 7 19.03 20.91 -10.33
C HIS B 7 17.89 21.90 -10.09
N GLU B 8 16.87 21.92 -10.99
CA GLU B 8 15.66 22.71 -10.77
C GLU B 8 15.02 22.30 -9.43
N ARG B 9 14.48 23.31 -8.76
CA ARG B 9 13.84 23.06 -7.45
C ARG B 9 12.45 23.70 -7.40
N THR B 10 11.51 23.10 -6.66
CA THR B 10 10.19 23.64 -6.37
C THR B 10 9.95 23.69 -4.86
N PHE B 11 9.02 24.56 -4.48
CA PHE B 11 8.53 24.65 -3.10
C PHE B 11 7.17 23.97 -3.01
N LEU B 12 7.12 22.98 -2.12
CA LEU B 12 5.87 22.29 -1.85
C LEU B 12 5.57 22.47 -0.36
N ALA B 13 4.29 22.57 -0.02
CA ALA B 13 3.92 22.55 1.37
C ALA B 13 2.72 21.65 1.57
N VAL B 14 2.78 20.80 2.58
CA VAL B 14 1.57 20.11 3.03
C VAL B 14 0.80 21.10 3.89
N LYS B 15 -0.46 21.34 3.50
CA LYS B 15 -1.32 22.29 4.18
C LYS B 15 -1.85 21.67 5.47
N PRO B 16 -2.48 22.48 6.36
CA PRO B 16 -2.80 21.97 7.68
C PRO B 16 -3.70 20.74 7.64
N ASP B 17 -4.57 20.66 6.63
CA ASP B 17 -5.46 19.46 6.48
C ASP B 17 -4.64 18.17 6.19
N GLY B 18 -3.52 18.31 5.47
CA GLY B 18 -2.71 17.13 5.21
C GLY B 18 -2.04 16.61 6.48
N VAL B 19 -1.60 17.54 7.33
CA VAL B 19 -1.04 17.15 8.61
C VAL B 19 -2.10 16.47 9.48
N GLN B 20 -3.26 17.12 9.59
CA GLN B 20 -4.32 16.61 10.46
C GLN B 20 -4.87 15.27 10.01
N ARG B 21 -4.94 15.07 8.67
CA ARG B 21 -5.44 13.83 8.15
C ARG B 21 -4.34 12.75 8.03
N ARG B 22 -3.15 13.03 8.55
CA ARG B 22 -2.07 11.98 8.61
C ARG B 22 -1.69 11.53 7.20
N LEU B 23 -1.52 12.50 6.32
CA LEU B 23 -1.12 12.22 4.94
C LEU B 23 0.27 12.72 4.60
N VAL B 24 1.03 13.15 5.59
CA VAL B 24 2.36 13.67 5.30
C VAL B 24 3.24 12.62 4.64
N GLY B 25 3.31 11.44 5.26
CA GLY B 25 4.15 10.37 4.71
C GLY B 25 3.67 9.92 3.35
N GLU B 26 2.36 9.82 3.16
CA GLU B 26 1.80 9.45 1.84
C GLU B 26 2.25 10.45 0.78
N ILE B 27 2.19 11.73 1.09
CA ILE B 27 2.58 12.73 0.13
C ILE B 27 4.07 12.68 -0.16
N VAL B 28 4.89 12.60 0.86
CA VAL B 28 6.32 12.53 0.65
C VAL B 28 6.67 11.30 -0.19
N ARG B 29 6.08 10.17 0.12
CA ARG B 29 6.35 8.91 -0.62
C ARG B 29 6.04 9.12 -2.11
N ARG B 30 5.01 9.85 -2.49
CA ARG B 30 4.74 10.02 -3.91
C ARG B 30 5.85 10.75 -4.64
N PHE B 31 6.45 11.75 -4.00
CA PHE B 31 7.54 12.47 -4.64
C PHE B 31 8.82 11.67 -4.61
N GLU B 32 9.05 10.89 -3.56
CA GLU B 32 10.17 9.96 -3.51
C GLU B 32 10.06 8.92 -4.63
N ARG B 33 8.91 8.33 -4.81
CA ARG B 33 8.78 7.25 -5.75
C ARG B 33 8.95 7.76 -7.18
N LYS B 34 8.62 9.03 -7.43
CA LYS B 34 8.72 9.65 -8.74
C LYS B 34 10.19 9.91 -9.13
N GLY B 35 11.08 9.99 -8.12
CA GLY B 35 12.47 10.17 -8.40
C GLY B 35 13.09 11.49 -7.94
N PHE B 36 12.27 12.37 -7.41
CA PHE B 36 12.78 13.68 -6.99
C PHE B 36 13.61 13.59 -5.70
N LYS B 37 14.48 14.57 -5.56
CA LYS B 37 15.37 14.64 -4.38
C LYS B 37 14.84 15.65 -3.37
N LEU B 38 14.67 15.17 -2.15
CA LEU B 38 14.24 16.07 -1.08
C LEU B 38 15.46 16.85 -0.62
N VAL B 39 15.41 18.20 -0.69
CA VAL B 39 16.58 18.97 -0.31
C VAL B 39 16.29 19.97 0.82
N ALA B 40 15.03 20.09 1.26
CA ALA B 40 14.70 20.86 2.45
C ALA B 40 13.36 20.38 2.97
N LEU B 41 13.21 20.49 4.28
CA LEU B 41 12.02 20.01 4.96
C LEU B 41 11.95 20.61 6.36
N LYS B 42 10.75 21.10 6.70
CA LYS B 42 10.51 21.46 8.08
C LYS B 42 9.02 21.58 8.38
N LEU B 43 8.67 21.24 9.62
CA LEU B 43 7.33 21.47 10.17
C LEU B 43 7.32 22.84 10.85
N VAL B 44 6.45 23.73 10.36
CA VAL B 44 6.39 25.08 10.88
C VAL B 44 4.94 25.51 11.04
N GLN B 45 4.77 26.53 11.87
N GLN B 45 4.76 26.54 11.87
CA GLN B 45 3.52 27.26 11.92
CA GLN B 45 3.51 27.27 11.97
C GLN B 45 3.81 28.61 11.26
C GLN B 45 3.76 28.63 11.30
N ALA B 46 3.22 28.80 10.08
CA ALA B 46 3.47 30.01 9.30
C ALA B 46 2.68 31.19 9.86
N SER B 47 3.32 32.36 9.90
CA SER B 47 2.63 33.56 10.28
C SER B 47 1.67 34.00 9.18
N GLU B 48 0.65 34.81 9.54
CA GLU B 48 -0.22 35.39 8.54
C GLU B 48 0.56 36.33 7.62
N GLU B 49 1.60 36.98 8.17
CA GLU B 49 2.42 37.90 7.38
C GLU B 49 3.18 37.16 6.29
N LEU B 50 3.82 36.04 6.65
CA LEU B 50 4.46 35.19 5.65
C LEU B 50 3.46 34.75 4.57
N LEU B 51 2.27 34.30 5.00
CA LEU B 51 1.29 33.77 4.07
C LEU B 51 0.72 34.85 3.17
N ARG B 52 0.53 36.07 3.69
CA ARG B 52 0.08 37.17 2.86
C ARG B 52 1.07 37.42 1.74
N GLU B 53 2.36 37.35 2.05
CA GLU B 53 3.37 37.48 1.02
C GLU B 53 3.37 36.28 0.07
N HIS B 54 3.32 35.05 0.62
CA HIS B 54 3.31 33.86 -0.23
C HIS B 54 2.20 33.96 -1.28
N TYR B 55 1.01 34.38 -0.86
CA TYR B 55 -0.15 34.44 -1.75
C TYR B 55 -0.47 35.87 -2.23
N ALA B 56 0.56 36.71 -2.33
CA ALA B 56 0.34 38.11 -2.70
C ALA B 56 -0.45 38.30 -4.01
N GLU B 57 -0.21 37.45 -5.01
CA GLU B 57 -0.86 37.60 -6.30
C GLU B 57 -2.37 37.46 -6.19
N LEU B 58 -2.86 36.79 -5.12
CA LEU B 58 -4.27 36.55 -4.88
C LEU B 58 -4.93 37.57 -3.93
N ARG B 59 -4.19 38.61 -3.58
CA ARG B 59 -4.67 39.55 -2.52
C ARG B 59 -6.01 40.25 -2.83
N GLU B 60 -6.41 40.33 -4.09
CA GLU B 60 -7.69 40.93 -4.41
C GLU B 60 -8.84 39.94 -4.51
N ARG B 61 -8.54 38.66 -4.31
CA ARG B 61 -9.57 37.61 -4.45
C ARG B 61 -10.41 37.51 -3.19
N PRO B 62 -11.72 37.21 -3.32
CA PRO B 62 -12.59 37.18 -2.17
C PRO B 62 -12.13 36.19 -1.10
N PHE B 63 -11.45 35.12 -1.52
CA PHE B 63 -11.08 34.05 -0.60
C PHE B 63 -9.72 34.29 0.09
N TYR B 64 -9.01 35.39 -0.25
CA TYR B 64 -7.63 35.58 0.20
C TYR B 64 -7.52 35.58 1.71
N GLY B 65 -8.41 36.33 2.38
CA GLY B 65 -8.38 36.42 3.83
C GLY B 65 -8.55 35.06 4.49
N ARG B 66 -9.53 34.28 4.04
CA ARG B 66 -9.72 33.01 4.69
C ARG B 66 -8.63 32.01 4.31
N LEU B 67 -8.08 32.09 3.10
CA LEU B 67 -6.96 31.23 2.72
C LEU B 67 -5.79 31.46 3.69
N VAL B 68 -5.45 32.72 3.90
CA VAL B 68 -4.34 33.08 4.77
C VAL B 68 -4.60 32.60 6.20
N LYS B 69 -5.79 32.88 6.73
CA LYS B 69 -6.14 32.53 8.08
C LYS B 69 -6.03 31.02 8.22
N TYR B 70 -6.60 30.30 7.26
CA TYR B 70 -6.54 28.85 7.32
C TYR B 70 -5.13 28.28 7.27
N MET B 71 -4.31 28.77 6.35
CA MET B 71 -2.95 28.28 6.21
C MET B 71 -2.11 28.56 7.46
N ALA B 72 -2.53 29.58 8.25
CA ALA B 72 -1.85 29.96 9.48
C ALA B 72 -2.40 29.21 10.68
N SER B 73 -3.47 28.41 10.48
CA SER B 73 -4.25 27.98 11.63
C SER B 73 -3.63 26.76 12.32
N GLY B 74 -2.72 26.05 11.65
CA GLY B 74 -2.16 24.81 12.13
C GLY B 74 -0.82 24.59 11.43
N PRO B 75 -0.02 23.62 11.88
CA PRO B 75 1.25 23.32 11.24
C PRO B 75 1.13 22.94 9.76
N VAL B 76 2.17 23.33 9.02
CA VAL B 76 2.36 22.92 7.64
C VAL B 76 3.74 22.29 7.55
N VAL B 77 3.90 21.45 6.51
CA VAL B 77 5.18 20.82 6.23
C VAL B 77 5.72 21.51 4.97
N ALA B 78 6.73 22.34 5.15
CA ALA B 78 7.40 23.03 4.05
C ALA B 78 8.53 22.16 3.50
N MET B 79 8.64 22.12 2.18
CA MET B 79 9.57 21.22 1.50
C MET B 79 10.12 21.90 0.26
N VAL B 80 11.33 21.48 -0.11
CA VAL B 80 11.91 21.78 -1.41
C VAL B 80 12.32 20.44 -2.02
N TRP B 81 11.91 20.24 -3.28
CA TRP B 81 12.25 19.07 -4.06
C TRP B 81 13.02 19.49 -5.32
N GLN B 82 13.93 18.61 -5.75
CA GLN B 82 14.85 18.93 -6.81
C GLN B 82 14.83 17.85 -7.87
N GLY B 83 14.79 18.28 -9.13
CA GLY B 83 15.00 17.37 -10.23
C GLY B 83 14.53 17.96 -11.54
N LEU B 84 14.69 17.20 -12.62
CA LEU B 84 14.34 17.68 -13.94
C LEU B 84 12.84 18.00 -14.01
N ASP B 85 12.52 19.23 -14.41
CA ASP B 85 11.15 19.67 -14.60
C ASP B 85 10.27 19.48 -13.36
N VAL B 86 10.89 19.61 -12.17
CA VAL B 86 10.18 19.29 -10.93
C VAL B 86 9.02 20.23 -10.71
N VAL B 87 9.12 21.48 -11.14
CA VAL B 87 8.03 22.40 -10.84
C VAL B 87 6.76 21.94 -11.56
N ARG B 88 6.85 21.75 -12.88
CA ARG B 88 5.64 21.39 -13.65
C ARG B 88 5.19 19.97 -13.29
N THR B 89 6.15 19.06 -13.14
CA THR B 89 5.79 17.70 -12.86
C THR B 89 5.11 17.56 -11.48
N SER B 90 5.59 18.32 -10.50
CA SER B 90 4.96 18.30 -9.19
C SER B 90 3.52 18.77 -9.32
N ARG B 91 3.25 19.81 -10.12
CA ARG B 91 1.88 20.27 -10.29
C ARG B 91 1.00 19.20 -10.91
N ALA B 92 1.57 18.42 -11.85
CA ALA B 92 0.82 17.31 -12.42
C ALA B 92 0.50 16.22 -11.39
N LEU B 93 1.46 15.92 -10.52
CA LEU B 93 1.24 14.92 -9.49
C LEU B 93 0.17 15.39 -8.48
N ILE B 94 0.16 16.69 -8.21
CA ILE B 94 -0.78 17.26 -7.25
C ILE B 94 -2.20 17.30 -7.83
N GLY B 95 -2.33 17.74 -9.08
CA GLY B 95 -3.63 17.87 -9.71
C GLY B 95 -4.22 19.27 -9.60
N ALA B 96 -5.30 19.45 -10.35
CA ALA B 96 -6.01 20.71 -10.47
C ALA B 96 -6.32 21.29 -9.10
N THR B 97 -6.41 22.63 -9.09
CA THR B 97 -6.71 23.37 -7.88
C THR B 97 -8.02 22.89 -7.27
N ASN B 98 -9.03 22.73 -8.10
CA ASN B 98 -10.31 22.23 -7.64
C ASN B 98 -10.25 20.70 -7.76
N PRO B 99 -10.25 19.95 -6.63
CA PRO B 99 -10.15 18.50 -6.70
C PRO B 99 -11.21 17.85 -7.58
N ALA B 100 -12.38 18.49 -7.77
CA ALA B 100 -13.36 17.96 -8.71
C ALA B 100 -12.80 17.73 -10.11
N ASP B 101 -11.77 18.51 -10.48
CA ASP B 101 -11.16 18.48 -11.81
C ASP B 101 -9.84 17.72 -11.82
N ALA B 102 -9.43 17.16 -10.70
CA ALA B 102 -8.18 16.45 -10.56
C ALA B 102 -8.47 14.99 -10.78
N PRO B 103 -7.89 14.34 -11.79
CA PRO B 103 -8.18 12.94 -11.98
C PRO B 103 -7.68 12.03 -10.90
N PRO B 104 -8.32 10.86 -10.77
CA PRO B 104 -7.78 9.81 -9.91
C PRO B 104 -6.31 9.55 -10.30
N GLY B 105 -5.50 9.32 -9.29
CA GLY B 105 -4.07 9.11 -9.50
C GLY B 105 -3.27 10.31 -9.04
N THR B 106 -3.88 11.50 -9.11
CA THR B 106 -3.30 12.70 -8.55
C THR B 106 -3.52 12.75 -7.04
N ILE B 107 -2.72 13.56 -6.34
CA ILE B 107 -2.90 13.70 -4.90
C ILE B 107 -4.30 14.24 -4.61
N ARG B 108 -4.68 15.33 -5.26
CA ARG B 108 -5.99 15.91 -4.98
C ARG B 108 -7.11 15.02 -5.48
N GLY B 109 -6.91 14.33 -6.60
CA GLY B 109 -7.91 13.43 -7.12
C GLY B 109 -8.16 12.22 -6.22
N ASP B 110 -7.11 11.76 -5.54
CA ASP B 110 -7.26 10.62 -4.66
C ASP B 110 -7.78 10.97 -3.27
N PHE B 111 -7.44 12.16 -2.79
CA PHE B 111 -7.58 12.44 -1.36
C PHE B 111 -8.51 13.61 -1.01
N CYS B 112 -8.96 14.44 -1.93
CA CYS B 112 -9.60 15.71 -1.59
C CYS B 112 -10.92 15.87 -2.31
N ILE B 113 -11.74 16.76 -1.73
CA ILE B 113 -13.05 17.05 -2.29
C ILE B 113 -13.18 18.51 -2.75
N GLU B 114 -12.69 19.44 -1.94
CA GLU B 114 -13.05 20.83 -2.10
C GLU B 114 -11.81 21.68 -2.34
N VAL B 115 -11.99 22.78 -3.05
CA VAL B 115 -10.88 23.65 -3.38
C VAL B 115 -10.24 24.24 -2.12
N GLY B 116 -11.03 24.53 -1.09
CA GLY B 116 -10.48 25.11 0.14
C GLY B 116 -9.72 24.17 1.04
N LYS B 117 -9.81 22.87 0.79
CA LYS B 117 -9.12 21.88 1.58
C LYS B 117 -8.46 20.89 0.59
N ASN B 118 -7.39 21.38 0.00
CA ASN B 118 -6.80 20.66 -1.15
C ASN B 118 -5.35 20.22 -0.87
N LEU B 119 -5.02 20.07 0.41
CA LEU B 119 -3.94 19.23 0.94
C LEU B 119 -2.53 19.80 0.82
N ILE B 120 -2.20 20.45 -0.28
CA ILE B 120 -0.82 20.70 -0.67
C ILE B 120 -0.77 21.94 -1.56
N HIS B 121 0.33 22.68 -1.43
CA HIS B 121 0.73 23.77 -2.31
C HIS B 121 1.97 23.37 -3.10
N GLY B 122 1.97 23.67 -4.41
CA GLY B 122 3.18 23.62 -5.20
C GLY B 122 3.37 24.89 -6.01
N SER B 123 4.64 25.29 -6.14
CA SER B 123 4.97 26.45 -6.95
C SER B 123 4.40 26.31 -8.37
N ASP B 124 4.01 27.42 -9.00
CA ASP B 124 3.38 27.35 -10.32
C ASP B 124 4.35 27.58 -11.47
N SER B 125 5.58 27.96 -11.18
CA SER B 125 6.56 28.26 -12.21
C SER B 125 7.94 28.26 -11.52
N VAL B 126 8.99 28.16 -12.34
CA VAL B 126 10.34 28.25 -11.80
C VAL B 126 10.54 29.59 -11.09
N GLU B 127 10.00 30.69 -11.63
CA GLU B 127 10.23 31.97 -10.92
C GLU B 127 9.40 32.01 -9.63
N SER B 128 8.28 31.46 -9.60
N SER B 128 8.27 31.48 -9.58
CA SER B 128 7.50 31.42 -8.36
CA SER B 128 7.55 31.52 -8.33
C SER B 128 8.23 30.59 -7.32
C SER B 128 8.22 30.59 -7.31
N ALA B 129 8.80 29.47 -7.78
CA ALA B 129 9.56 28.58 -6.90
C ALA B 129 10.74 29.31 -6.26
N ARG B 130 11.51 30.05 -7.07
CA ARG B 130 12.63 30.79 -6.52
C ARG B 130 12.15 31.73 -5.42
N ARG B 131 11.06 32.43 -5.69
CA ARG B 131 10.53 33.39 -4.70
C ARG B 131 10.09 32.67 -3.43
N GLU B 132 9.34 31.57 -3.60
CA GLU B 132 8.78 30.88 -2.44
C GLU B 132 9.86 30.18 -1.61
N ILE B 133 10.85 29.62 -2.28
CA ILE B 133 11.93 28.97 -1.58
C ILE B 133 12.63 30.02 -0.73
N ALA B 134 12.91 31.19 -1.30
CA ALA B 134 13.58 32.23 -0.52
C ALA B 134 12.73 32.75 0.63
N LEU B 135 11.41 32.80 0.47
CA LEU B 135 10.53 33.27 1.54
C LEU B 135 10.51 32.29 2.70
N TRP B 136 10.55 30.99 2.42
CA TRP B 136 10.28 30.02 3.47
C TRP B 136 11.53 29.43 4.10
N PHE B 137 12.66 29.45 3.39
CA PHE B 137 13.88 28.77 3.81
C PHE B 137 15.06 29.74 3.76
N ARG B 138 15.98 29.55 4.72
CA ARG B 138 17.33 30.08 4.64
C ARG B 138 18.21 29.23 3.74
N ALA B 139 19.23 29.85 3.16
CA ALA B 139 20.15 29.13 2.28
C ALA B 139 20.73 27.90 2.98
N ASP B 140 21.05 27.97 4.28
CA ASP B 140 21.67 26.84 4.94
C ASP B 140 20.70 25.71 5.26
N GLU B 141 19.40 25.88 4.95
CA GLU B 141 18.46 24.78 5.06
C GLU B 141 18.33 23.96 3.78
N LEU B 142 18.90 24.45 2.67
CA LEU B 142 18.80 23.77 1.39
C LEU B 142 20.03 22.89 1.20
N LEU B 143 19.83 21.57 1.20
CA LEU B 143 20.95 20.65 1.25
C LEU B 143 21.37 20.18 -0.14
N CYS B 144 22.66 19.83 -0.26
CA CYS B 144 23.23 19.25 -1.45
C CYS B 144 23.55 17.78 -1.15
N TRP B 145 23.11 16.84 -1.98
CA TRP B 145 23.56 15.47 -1.79
C TRP B 145 23.63 14.75 -3.12
N GLU B 146 24.50 13.74 -3.16
CA GLU B 146 24.74 12.97 -4.37
C GLU B 146 23.82 11.77 -4.37
N ASP B 147 22.90 11.72 -5.32
CA ASP B 147 21.87 10.71 -5.33
C ASP B 147 22.37 9.42 -5.99
N SER B 148 22.46 8.36 -5.20
CA SER B 148 22.85 7.04 -5.67
C SER B 148 21.94 6.52 -6.76
N ALA B 149 20.72 7.06 -6.86
CA ALA B 149 19.74 6.58 -7.83
C ALA B 149 19.78 7.40 -9.11
N GLY B 150 20.47 8.54 -9.09
CA GLY B 150 20.35 9.46 -10.20
C GLY B 150 20.67 8.80 -11.55
N HIS B 151 21.67 7.90 -11.56
CA HIS B 151 22.05 7.22 -12.82
C HIS B 151 20.87 6.43 -13.38
N TRP B 152 19.89 6.11 -12.50
CA TRP B 152 18.80 5.26 -12.94
C TRP B 152 17.55 6.07 -13.23
N LEU B 153 17.58 7.37 -12.95
CA LEU B 153 16.49 8.29 -13.23
C LEU B 153 16.74 9.20 -14.42
N TYR B 154 18.01 9.51 -14.70
CA TYR B 154 18.35 10.44 -15.76
C TYR B 154 19.22 9.78 -16.84
N GLU B 155 19.02 10.18 -18.11
CA GLU B 155 19.92 9.80 -19.17
C GLU B 155 21.15 10.72 -19.14
N GLY C 1 -28.15 17.79 -1.31
CA GLY C 1 -29.14 18.89 -1.29
C GLY C 1 -28.56 20.14 -1.91
N HIS C 2 -29.14 21.31 -1.60
CA HIS C 2 -28.58 22.58 -2.06
C HIS C 2 -27.98 23.39 -0.90
N MET C 3 -28.48 23.19 0.33
CA MET C 3 -27.95 23.92 1.48
C MET C 3 -26.47 24.23 1.26
N THR C 4 -25.64 23.17 1.17
CA THR C 4 -24.21 23.25 0.85
C THR C 4 -23.79 22.21 -0.17
N GLY C 5 -24.64 21.21 -0.41
CA GLY C 5 -24.28 20.15 -1.33
C GLY C 5 -23.67 18.94 -0.61
N ALA C 6 -23.22 19.10 0.63
CA ALA C 6 -22.39 18.11 1.28
C ALA C 6 -23.16 16.86 1.68
N HIS C 7 -24.49 16.90 1.62
CA HIS C 7 -25.28 15.75 2.03
C HIS C 7 -25.79 14.94 0.84
N GLU C 8 -25.32 15.23 -0.39
CA GLU C 8 -25.58 14.37 -1.55
C GLU C 8 -25.12 12.95 -1.23
N ARG C 9 -25.87 12.02 -1.77
CA ARG C 9 -25.55 10.59 -1.57
C ARG C 9 -25.61 9.82 -2.88
N THR C 10 -24.76 8.79 -2.99
CA THR C 10 -24.74 7.90 -4.12
C THR C 10 -24.86 6.47 -3.61
N PHE C 11 -25.38 5.62 -4.49
CA PHE C 11 -25.36 4.18 -4.27
C PHE C 11 -24.19 3.57 -4.99
N LEU C 12 -23.37 2.80 -4.25
CA LEU C 12 -22.25 2.04 -4.81
C LEU C 12 -22.45 0.58 -4.43
N ALA C 13 -22.12 -0.31 -5.35
CA ALA C 13 -22.17 -1.72 -5.02
C ALA C 13 -20.96 -2.42 -5.56
N VAL C 14 -20.31 -3.21 -4.72
CA VAL C 14 -19.26 -4.13 -5.17
C VAL C 14 -19.96 -5.38 -5.70
N LYS C 15 -19.73 -5.67 -6.99
CA LYS C 15 -20.36 -6.79 -7.67
C LYS C 15 -19.72 -8.10 -7.23
N PRO C 16 -20.30 -9.25 -7.57
CA PRO C 16 -19.77 -10.51 -7.08
C PRO C 16 -18.31 -10.76 -7.41
N ASP C 17 -17.87 -10.33 -8.58
CA ASP C 17 -16.45 -10.47 -8.92
C ASP C 17 -15.54 -9.71 -7.96
N GLY C 18 -15.99 -8.58 -7.43
CA GLY C 18 -15.18 -7.86 -6.47
C GLY C 18 -15.03 -8.62 -5.14
N VAL C 19 -16.11 -9.27 -4.72
CA VAL C 19 -16.07 -10.07 -3.50
C VAL C 19 -15.17 -11.28 -3.75
N GLN C 20 -15.39 -12.00 -4.87
CA GLN C 20 -14.62 -13.20 -5.13
C GLN C 20 -13.12 -12.92 -5.28
N ARG C 21 -12.78 -11.77 -5.86
CA ARG C 21 -11.40 -11.40 -6.08
C ARG C 21 -10.77 -10.67 -4.89
N ARG C 22 -11.53 -10.53 -3.81
CA ARG C 22 -10.99 -9.99 -2.56
C ARG C 22 -10.56 -8.54 -2.69
N LEU C 23 -11.44 -7.77 -3.33
CA LEU C 23 -11.18 -6.36 -3.54
C LEU C 23 -12.14 -5.46 -2.74
N VAL C 24 -12.90 -6.00 -1.79
CA VAL C 24 -13.83 -5.17 -1.03
C VAL C 24 -13.12 -4.08 -0.27
N GLY C 25 -12.10 -4.48 0.47
CA GLY C 25 -11.38 -3.55 1.28
C GLY C 25 -10.66 -2.51 0.46
N GLU C 26 -10.07 -2.94 -0.67
N GLU C 26 -10.04 -2.94 -0.66
CA GLU C 26 -9.39 -1.99 -1.52
CA GLU C 26 -9.38 -2.03 -1.59
C GLU C 26 -10.35 -0.94 -2.05
C GLU C 26 -10.35 -0.95 -2.06
N ILE C 27 -11.55 -1.37 -2.42
CA ILE C 27 -12.53 -0.42 -2.94
C ILE C 27 -13.01 0.54 -1.85
N VAL C 28 -13.35 -0.01 -0.69
CA VAL C 28 -13.80 0.84 0.42
C VAL C 28 -12.72 1.85 0.79
N ARG C 29 -11.45 1.42 0.89
CA ARG C 29 -10.34 2.32 1.24
C ARG C 29 -10.23 3.47 0.23
N ARG C 30 -10.49 3.26 -1.06
CA ARG C 30 -10.40 4.38 -1.97
C ARG C 30 -11.44 5.48 -1.69
N PHE C 31 -12.64 5.06 -1.31
CA PHE C 31 -13.66 6.05 -0.99
C PHE C 31 -13.39 6.71 0.38
N GLU C 32 -12.86 5.94 1.31
CA GLU C 32 -12.46 6.49 2.61
C GLU C 32 -11.36 7.53 2.44
N ARG C 33 -10.35 7.23 1.63
N ARG C 33 -10.34 7.22 1.64
CA ARG C 33 -9.18 8.13 1.51
CA ARG C 33 -9.17 8.13 1.49
C ARG C 33 -9.57 9.41 0.75
C ARG C 33 -9.58 9.42 0.77
N LYS C 34 -10.62 9.33 -0.07
CA LYS C 34 -11.10 10.48 -0.80
C LYS C 34 -11.79 11.49 0.12
N GLY C 35 -12.33 11.01 1.20
CA GLY C 35 -12.98 11.84 2.19
C GLY C 35 -14.47 11.67 2.28
N PHE C 36 -15.07 10.79 1.49
CA PHE C 36 -16.50 10.59 1.59
C PHE C 36 -16.88 9.86 2.86
N LYS C 37 -18.16 10.03 3.22
CA LYS C 37 -18.73 9.51 4.46
C LYS C 37 -19.58 8.30 4.16
N LEU C 38 -19.18 7.15 4.71
CA LEU C 38 -19.95 5.95 4.60
C LEU C 38 -21.20 6.09 5.48
N VAL C 39 -22.40 6.01 4.87
CA VAL C 39 -23.60 6.14 5.67
C VAL C 39 -24.45 4.90 5.62
N ALA C 40 -24.14 3.93 4.76
CA ALA C 40 -24.82 2.66 4.78
C ALA C 40 -23.94 1.59 4.17
N LEU C 41 -24.11 0.36 4.64
CA LEU C 41 -23.29 -0.73 4.17
C LEU C 41 -23.95 -2.05 4.53
N LYS C 42 -24.05 -2.97 3.57
CA LYS C 42 -24.44 -4.34 3.89
C LYS C 42 -24.03 -5.30 2.77
N LEU C 43 -23.68 -6.51 3.19
CA LEU C 43 -23.47 -7.62 2.26
C LEU C 43 -24.78 -8.31 2.05
N VAL C 44 -25.19 -8.46 0.77
CA VAL C 44 -26.50 -9.04 0.46
C VAL C 44 -26.39 -9.99 -0.73
N GLN C 45 -27.34 -10.93 -0.77
CA GLN C 45 -27.59 -11.78 -1.92
C GLN C 45 -28.82 -11.20 -2.59
N ALA C 46 -28.60 -10.52 -3.73
CA ALA C 46 -29.66 -9.76 -4.34
C ALA C 46 -30.56 -10.71 -5.14
N SER C 47 -31.87 -10.52 -5.01
CA SER C 47 -32.84 -11.31 -5.75
C SER C 47 -32.86 -10.86 -7.21
N GLU C 48 -33.20 -11.78 -8.12
CA GLU C 48 -33.33 -11.46 -9.53
C GLU C 48 -34.37 -10.36 -9.73
N GLU C 49 -35.38 -10.34 -8.85
CA GLU C 49 -36.46 -9.36 -8.90
C GLU C 49 -35.89 -7.96 -8.77
N LEU C 50 -35.17 -7.75 -7.66
CA LEU C 50 -34.60 -6.45 -7.35
C LEU C 50 -33.68 -6.04 -8.49
N LEU C 51 -32.88 -6.98 -8.99
CA LEU C 51 -31.90 -6.66 -10.02
C LEU C 51 -32.61 -6.26 -11.33
N ARG C 52 -33.79 -6.84 -11.63
CA ARG C 52 -34.50 -6.50 -12.85
C ARG C 52 -34.98 -5.04 -12.78
N GLU C 53 -35.37 -4.62 -11.58
CA GLU C 53 -35.75 -3.25 -11.34
C GLU C 53 -34.54 -2.32 -11.40
N HIS C 54 -33.38 -2.80 -10.91
CA HIS C 54 -32.19 -1.98 -10.84
C HIS C 54 -31.73 -1.66 -12.26
N TYR C 55 -31.78 -2.68 -13.14
CA TYR C 55 -31.29 -2.61 -14.50
C TYR C 55 -32.43 -2.47 -15.51
N ALA C 56 -33.57 -1.93 -15.08
CA ALA C 56 -34.77 -1.83 -15.90
C ALA C 56 -34.51 -1.08 -17.20
N GLU C 57 -33.57 -0.13 -17.19
CA GLU C 57 -33.26 0.64 -18.39
C GLU C 57 -32.53 -0.25 -19.41
N LEU C 58 -31.96 -1.36 -18.93
CA LEU C 58 -31.22 -2.27 -19.81
C LEU C 58 -32.09 -3.48 -20.16
N ARG C 59 -33.41 -3.35 -19.99
CA ARG C 59 -34.34 -4.46 -20.08
C ARG C 59 -34.35 -5.07 -21.50
N GLU C 60 -34.10 -4.25 -22.54
CA GLU C 60 -34.14 -4.73 -23.91
C GLU C 60 -32.74 -4.72 -24.55
N ARG C 61 -31.67 -4.76 -23.75
CA ARG C 61 -30.32 -5.02 -24.26
C ARG C 61 -30.07 -6.53 -24.29
N PRO C 62 -29.20 -7.04 -25.19
CA PRO C 62 -28.98 -8.49 -25.33
C PRO C 62 -28.33 -9.18 -24.13
N PHE C 63 -27.63 -8.42 -23.29
CA PHE C 63 -26.88 -8.99 -22.18
C PHE C 63 -27.74 -9.07 -20.91
N TYR C 64 -28.99 -8.56 -20.96
CA TYR C 64 -29.77 -8.27 -19.76
C TYR C 64 -29.91 -9.50 -18.87
N GLY C 65 -30.31 -10.62 -19.48
CA GLY C 65 -30.49 -11.86 -18.74
C GLY C 65 -29.22 -12.34 -18.05
N ARG C 66 -28.06 -12.27 -18.74
CA ARG C 66 -26.80 -12.72 -18.17
C ARG C 66 -26.33 -11.76 -17.08
N LEU C 67 -26.64 -10.47 -17.21
CA LEU C 67 -26.25 -9.50 -16.19
C LEU C 67 -26.98 -9.79 -14.88
N VAL C 68 -28.30 -9.95 -14.97
CA VAL C 68 -29.15 -10.16 -13.80
C VAL C 68 -28.76 -11.46 -13.12
N LYS C 69 -28.67 -12.54 -13.90
CA LYS C 69 -28.29 -13.86 -13.41
C LYS C 69 -26.94 -13.78 -12.69
N TYR C 70 -26.01 -13.06 -13.32
CA TYR C 70 -24.69 -12.89 -12.77
C TYR C 70 -24.66 -12.06 -11.47
N MET C 71 -25.47 -10.99 -11.39
CA MET C 71 -25.42 -10.13 -10.23
C MET C 71 -26.10 -10.84 -9.06
N ALA C 72 -26.90 -11.85 -9.38
CA ALA C 72 -27.56 -12.65 -8.36
C ALA C 72 -26.72 -13.87 -8.00
N SER C 73 -25.55 -14.04 -8.61
CA SER C 73 -24.80 -15.29 -8.57
C SER C 73 -23.95 -15.39 -7.31
N GLY C 74 -23.85 -14.30 -6.57
CA GLY C 74 -22.95 -14.31 -5.42
C GLY C 74 -23.21 -13.07 -4.59
N PRO C 75 -22.49 -12.88 -3.47
CA PRO C 75 -22.72 -11.68 -2.66
C PRO C 75 -22.34 -10.39 -3.35
N VAL C 76 -23.05 -9.33 -2.98
CA VAL C 76 -22.79 -7.96 -3.38
C VAL C 76 -22.62 -7.14 -2.12
N VAL C 77 -21.73 -6.16 -2.16
CA VAL C 77 -21.57 -5.22 -1.07
C VAL C 77 -22.27 -3.91 -1.46
N ALA C 78 -23.43 -3.67 -0.82
CA ALA C 78 -24.21 -2.49 -1.12
C ALA C 78 -23.81 -1.37 -0.17
N MET C 79 -23.66 -0.14 -0.68
CA MET C 79 -23.17 0.98 0.11
C MET C 79 -23.86 2.26 -0.32
N VAL C 80 -23.87 3.18 0.64
CA VAL C 80 -24.23 4.56 0.38
C VAL C 80 -23.11 5.42 0.93
N TRP C 81 -22.63 6.34 0.08
CA TRP C 81 -21.59 7.29 0.42
C TRP C 81 -22.16 8.70 0.27
N GLN C 82 -21.68 9.59 1.15
CA GLN C 82 -22.19 10.95 1.21
C GLN C 82 -21.08 11.96 1.11
N GLY C 83 -21.36 13.02 0.40
CA GLY C 83 -20.46 14.16 0.35
C GLY C 83 -20.72 15.05 -0.86
N LEU C 84 -20.00 16.18 -0.91
CA LEU C 84 -20.15 17.10 -2.00
C LEU C 84 -19.82 16.43 -3.34
N ASP C 85 -20.76 16.53 -4.28
N ASP C 85 -20.76 16.53 -4.28
CA ASP C 85 -20.57 15.99 -5.66
CA ASP C 85 -20.63 16.00 -5.63
C ASP C 85 -20.21 14.51 -5.60
C ASP C 85 -20.26 14.52 -5.61
N VAL C 86 -20.74 13.78 -4.63
CA VAL C 86 -20.31 12.38 -4.51
C VAL C 86 -20.78 11.56 -5.71
N VAL C 87 -21.92 11.84 -6.33
CA VAL C 87 -22.35 11.04 -7.46
C VAL C 87 -21.36 11.14 -8.61
N ARG C 88 -21.08 12.38 -9.06
CA ARG C 88 -20.16 12.60 -10.17
C ARG C 88 -18.76 12.14 -9.83
N THR C 89 -18.30 12.46 -8.63
CA THR C 89 -16.95 12.12 -8.25
C THR C 89 -16.77 10.60 -8.16
N SER C 90 -17.74 9.89 -7.60
CA SER C 90 -17.64 8.45 -7.48
C SER C 90 -17.55 7.84 -8.88
N ARG C 91 -18.31 8.36 -9.85
CA ARG C 91 -18.22 7.83 -11.20
C ARG C 91 -16.80 8.03 -11.75
N ALA C 92 -16.17 9.15 -11.47
CA ALA C 92 -14.81 9.40 -11.90
C ALA C 92 -13.87 8.43 -11.22
N LEU C 93 -14.02 8.17 -9.93
CA LEU C 93 -13.13 7.24 -9.23
C LEU C 93 -13.26 5.84 -9.76
N ILE C 94 -14.44 5.43 -10.16
CA ILE C 94 -14.70 4.09 -10.67
C ILE C 94 -14.11 3.92 -12.07
N GLY C 95 -14.28 4.93 -12.88
CA GLY C 95 -13.90 4.90 -14.29
C GLY C 95 -14.97 4.43 -15.23
N ALA C 96 -14.65 4.49 -16.53
CA ALA C 96 -15.55 4.10 -17.60
C ALA C 96 -16.13 2.70 -17.42
N THR C 97 -17.34 2.51 -17.95
CA THR C 97 -18.05 1.24 -17.89
C THR C 97 -17.23 0.09 -18.44
N ASN C 98 -16.66 0.30 -19.64
CA ASN C 98 -15.73 -0.65 -20.22
C ASN C 98 -14.36 -0.37 -19.60
N PRO C 99 -13.78 -1.31 -18.82
CA PRO C 99 -12.48 -1.06 -18.18
C PRO C 99 -11.40 -0.69 -19.19
N ALA C 100 -11.49 -1.23 -20.41
CA ALA C 100 -10.54 -0.92 -21.44
C ALA C 100 -10.46 0.58 -21.68
N ASP C 101 -11.50 1.35 -21.33
CA ASP C 101 -11.53 2.79 -21.52
C ASP C 101 -11.34 3.57 -20.20
N ALA C 102 -11.14 2.85 -19.11
CA ALA C 102 -10.97 3.47 -17.80
C ALA C 102 -9.47 3.67 -17.56
N PRO C 103 -9.03 4.91 -17.31
CA PRO C 103 -7.60 5.15 -17.17
C PRO C 103 -7.05 4.54 -15.91
N PRO C 104 -5.77 4.21 -15.88
CA PRO C 104 -5.08 3.81 -14.66
C PRO C 104 -5.25 4.89 -13.61
N GLY C 105 -5.44 4.45 -12.39
CA GLY C 105 -5.78 5.35 -11.30
C GLY C 105 -7.24 5.21 -10.87
N THR C 106 -8.11 4.81 -11.80
CA THR C 106 -9.47 4.48 -11.50
C THR C 106 -9.57 3.06 -11.00
N ILE C 107 -10.69 2.70 -10.34
CA ILE C 107 -10.88 1.36 -9.85
C ILE C 107 -10.88 0.40 -11.05
N ARG C 108 -11.71 0.65 -12.05
CA ARG C 108 -11.77 -0.29 -13.16
C ARG C 108 -10.47 -0.27 -13.95
N GLY C 109 -9.83 0.88 -14.06
CA GLY C 109 -8.59 0.99 -14.79
C GLY C 109 -7.51 0.17 -14.11
N ASP C 110 -7.48 0.13 -12.78
CA ASP C 110 -6.44 -0.59 -12.06
C ASP C 110 -6.76 -2.07 -11.92
N PHE C 111 -8.04 -2.47 -11.84
CA PHE C 111 -8.36 -3.76 -11.27
C PHE C 111 -9.15 -4.68 -12.18
N CYS C 112 -9.65 -4.25 -13.34
CA CYS C 112 -10.41 -5.24 -14.11
C CYS C 112 -10.26 -5.02 -15.62
N ILE C 113 -10.81 -5.98 -16.36
CA ILE C 113 -10.50 -6.11 -17.76
C ILE C 113 -11.74 -5.96 -18.64
N GLU C 114 -12.81 -6.68 -18.32
CA GLU C 114 -13.90 -6.82 -19.26
C GLU C 114 -15.19 -6.19 -18.70
N VAL C 115 -16.00 -5.68 -19.62
CA VAL C 115 -17.17 -4.91 -19.30
C VAL C 115 -18.15 -5.73 -18.47
N GLY C 116 -18.20 -7.04 -18.68
CA GLY C 116 -19.16 -7.86 -17.97
C GLY C 116 -18.69 -8.30 -16.58
N LYS C 117 -17.41 -8.03 -16.25
CA LYS C 117 -16.88 -8.28 -14.91
C LYS C 117 -16.10 -7.03 -14.49
N ASN C 118 -16.88 -5.98 -14.22
CA ASN C 118 -16.31 -4.66 -14.01
C ASN C 118 -16.47 -4.13 -12.58
N LEU C 119 -16.52 -5.06 -11.63
CA LEU C 119 -16.25 -4.91 -10.19
C LEU C 119 -17.28 -4.16 -9.38
N ILE C 120 -17.84 -3.07 -9.92
CA ILE C 120 -18.50 -2.09 -9.09
C ILE C 120 -19.59 -1.44 -9.93
N HIS C 121 -20.65 -1.02 -9.27
CA HIS C 121 -21.63 -0.09 -9.81
C HIS C 121 -21.68 1.18 -8.98
N GLY C 122 -21.84 2.32 -9.65
CA GLY C 122 -22.15 3.58 -9.00
C GLY C 122 -23.27 4.28 -9.75
N SER C 123 -24.17 4.92 -9.00
CA SER C 123 -25.25 5.68 -9.60
C SER C 123 -24.74 6.64 -10.66
N ASP C 124 -25.51 6.78 -11.74
CA ASP C 124 -25.05 7.63 -12.82
C ASP C 124 -25.51 9.08 -12.70
N SER C 125 -26.39 9.34 -11.77
CA SER C 125 -26.98 10.66 -11.65
C SER C 125 -27.59 10.79 -10.26
N VAL C 126 -27.86 12.02 -9.85
CA VAL C 126 -28.53 12.23 -8.58
C VAL C 126 -29.92 11.58 -8.56
N GLU C 127 -30.68 11.64 -9.66
N GLU C 127 -30.68 11.66 -9.66
CA GLU C 127 -32.00 11.02 -9.62
CA GLU C 127 -32.00 11.06 -9.62
C GLU C 127 -31.87 9.49 -9.58
C GLU C 127 -31.90 9.54 -9.55
N SER C 128 -30.90 8.93 -10.30
N SER C 128 -30.94 8.94 -10.25
CA SER C 128 -30.67 7.49 -10.27
CA SER C 128 -30.84 7.50 -10.20
C SER C 128 -30.27 7.08 -8.85
C SER C 128 -30.29 7.07 -8.85
N ALA C 129 -29.45 7.92 -8.22
CA ALA C 129 -28.99 7.61 -6.86
C ALA C 129 -30.17 7.56 -5.89
N ARG C 130 -31.05 8.56 -5.99
CA ARG C 130 -32.27 8.56 -5.13
C ARG C 130 -33.04 7.26 -5.31
N ARG C 131 -33.24 6.85 -6.56
CA ARG C 131 -34.03 5.66 -6.82
C ARG C 131 -33.32 4.39 -6.31
N GLU C 132 -32.01 4.31 -6.54
CA GLU C 132 -31.29 3.12 -6.17
C GLU C 132 -31.16 3.00 -4.66
N ILE C 133 -30.88 4.11 -3.97
CA ILE C 133 -30.80 4.03 -2.53
C ILE C 133 -32.11 3.51 -1.94
N ALA C 134 -33.22 4.03 -2.46
CA ALA C 134 -34.52 3.61 -1.97
C ALA C 134 -34.77 2.14 -2.26
N LEU C 135 -34.31 1.63 -3.43
CA LEU C 135 -34.52 0.25 -3.84
C LEU C 135 -33.74 -0.70 -2.91
N TRP C 136 -32.49 -0.35 -2.60
CA TRP C 136 -31.57 -1.29 -1.96
C TRP C 136 -31.59 -1.21 -0.43
N PHE C 137 -31.91 -0.04 0.13
CA PHE C 137 -31.86 0.20 1.54
C PHE C 137 -33.20 0.66 2.09
N ARG C 138 -33.45 0.31 3.36
CA ARG C 138 -34.51 0.89 4.15
C ARG C 138 -33.99 2.21 4.72
N ALA C 139 -34.91 3.10 5.08
CA ALA C 139 -34.51 4.39 5.62
C ALA C 139 -33.65 4.18 6.87
N ASP C 140 -34.01 3.20 7.71
CA ASP C 140 -33.35 3.07 8.99
C ASP C 140 -31.92 2.54 8.85
N GLU C 141 -31.55 2.13 7.64
CA GLU C 141 -30.17 1.62 7.35
C GLU C 141 -29.31 2.82 7.00
N LEU C 142 -29.77 3.96 6.76
N LEU C 142 -29.77 3.96 6.76
CA LEU C 142 -28.95 5.11 6.41
CA LEU C 142 -28.97 5.12 6.42
C LEU C 142 -28.65 5.88 7.69
C LEU C 142 -28.66 5.88 7.71
N LEU C 143 -27.38 5.94 8.08
CA LEU C 143 -27.01 6.40 9.40
C LEU C 143 -26.64 7.86 9.39
N CYS C 144 -27.03 8.53 10.46
CA CYS C 144 -26.61 9.89 10.75
C CYS C 144 -25.55 9.82 11.83
N TRP C 145 -24.34 10.26 11.48
CA TRP C 145 -23.23 10.30 12.41
C TRP C 145 -22.38 11.53 12.17
N GLU C 146 -21.62 11.86 13.21
CA GLU C 146 -20.86 13.09 13.26
C GLU C 146 -19.43 12.84 12.83
N ASP C 147 -19.07 13.34 11.65
CA ASP C 147 -17.83 12.99 10.98
C ASP C 147 -16.72 13.93 11.45
N SER C 148 -15.82 13.40 12.26
CA SER C 148 -14.68 14.16 12.74
C SER C 148 -13.84 14.67 11.57
N ALA C 149 -13.84 13.99 10.41
CA ALA C 149 -12.97 14.36 9.30
C ALA C 149 -13.48 15.58 8.53
N GLY C 150 -14.79 15.84 8.60
CA GLY C 150 -15.40 16.88 7.80
C GLY C 150 -14.69 18.23 7.89
N HIS C 151 -14.19 18.57 9.06
CA HIS C 151 -13.57 19.87 9.28
C HIS C 151 -12.36 20.04 8.35
N TRP C 152 -11.73 18.91 8.04
CA TRP C 152 -10.51 18.93 7.23
C TRP C 152 -10.76 18.67 5.75
N LEU C 153 -11.99 18.29 5.37
CA LEU C 153 -12.35 18.06 3.98
C LEU C 153 -13.11 19.23 3.37
N TYR C 154 -13.81 20.02 4.22
CA TYR C 154 -14.73 21.06 3.76
C TYR C 154 -14.21 22.40 4.26
N GLU C 155 -14.35 23.42 3.41
CA GLU C 155 -14.01 24.78 3.80
C GLU C 155 -15.02 25.34 4.80
N GLY D 5 30.17 -12.17 3.79
CA GLY D 5 28.93 -12.97 3.71
C GLY D 5 27.84 -12.32 2.86
N ALA D 6 28.11 -11.16 2.24
CA ALA D 6 27.03 -10.49 1.51
C ALA D 6 26.71 -11.16 0.17
N HIS D 7 27.53 -12.13 -0.24
CA HIS D 7 27.29 -12.85 -1.46
C HIS D 7 26.56 -14.17 -1.20
N GLU D 8 26.07 -14.39 0.04
CA GLU D 8 25.24 -15.58 0.29
C GLU D 8 24.03 -15.53 -0.63
N ARG D 9 23.53 -16.70 -1.03
CA ARG D 9 22.36 -16.81 -1.87
C ARG D 9 21.38 -17.85 -1.33
N THR D 10 20.08 -17.60 -1.55
CA THR D 10 19.05 -18.54 -1.19
C THR D 10 18.21 -18.82 -2.41
N PHE D 11 17.55 -19.98 -2.40
CA PHE D 11 16.54 -20.34 -3.38
C PHE D 11 15.16 -20.14 -2.76
N LEU D 12 14.35 -19.37 -3.47
CA LEU D 12 12.95 -19.18 -3.09
C LEU D 12 12.06 -19.61 -4.26
N ALA D 13 10.88 -20.15 -3.99
CA ALA D 13 9.93 -20.44 -5.03
C ALA D 13 8.54 -20.05 -4.58
N VAL D 14 7.84 -19.29 -5.42
CA VAL D 14 6.42 -19.10 -5.22
C VAL D 14 5.71 -20.33 -5.71
N LYS D 15 4.97 -20.97 -4.83
CA LYS D 15 4.30 -22.22 -5.09
C LYS D 15 3.06 -21.96 -5.94
N PRO D 16 2.38 -23.01 -6.44
CA PRO D 16 1.30 -22.76 -7.38
C PRO D 16 0.18 -21.89 -6.81
N ASP D 17 -0.07 -22.01 -5.50
CA ASP D 17 -1.11 -21.18 -4.88
C ASP D 17 -0.74 -19.71 -4.89
N GLY D 18 0.55 -19.37 -4.81
CA GLY D 18 0.92 -17.98 -4.86
C GLY D 18 0.74 -17.38 -6.25
N VAL D 19 1.00 -18.19 -7.28
CA VAL D 19 0.77 -17.76 -8.64
C VAL D 19 -0.74 -17.57 -8.88
N GLN D 20 -1.53 -18.57 -8.49
CA GLN D 20 -2.96 -18.56 -8.74
C GLN D 20 -3.66 -17.41 -7.99
N ARG D 21 -3.19 -17.11 -6.79
CA ARG D 21 -3.75 -16.01 -5.98
C ARG D 21 -3.19 -14.64 -6.37
N ARG D 22 -2.30 -14.60 -7.37
CA ARG D 22 -1.81 -13.32 -7.86
C ARG D 22 -1.01 -12.58 -6.81
N LEU D 23 -0.14 -13.30 -6.13
CA LEU D 23 0.72 -12.77 -5.09
C LEU D 23 2.20 -12.73 -5.47
N VAL D 24 2.53 -12.98 -6.75
CA VAL D 24 3.92 -12.98 -7.11
C VAL D 24 4.60 -11.65 -6.85
N GLY D 25 3.96 -10.60 -7.37
CA GLY D 25 4.55 -9.29 -7.23
C GLY D 25 4.63 -8.84 -5.77
N GLU D 26 3.60 -9.15 -4.98
N GLU D 26 3.58 -9.15 -4.96
CA GLU D 26 3.64 -8.84 -3.53
CA GLU D 26 3.60 -8.88 -3.53
C GLU D 26 4.85 -9.52 -2.87
C GLU D 26 4.82 -9.52 -2.87
N ILE D 27 5.06 -10.80 -3.21
CA ILE D 27 6.17 -11.51 -2.62
C ILE D 27 7.53 -10.92 -3.04
N VAL D 28 7.70 -10.70 -4.35
CA VAL D 28 8.94 -10.13 -4.82
C VAL D 28 9.21 -8.79 -4.14
N ARG D 29 8.17 -7.95 -4.05
CA ARG D 29 8.36 -6.60 -3.47
C ARG D 29 8.83 -6.69 -2.01
N ARG D 30 8.41 -7.71 -1.26
CA ARG D 30 8.89 -7.84 0.10
C ARG D 30 10.39 -8.08 0.19
N PHE D 31 10.93 -8.88 -0.76
CA PHE D 31 12.37 -9.14 -0.76
C PHE D 31 13.13 -7.96 -1.34
N GLU D 32 12.53 -7.27 -2.31
CA GLU D 32 13.14 -6.06 -2.84
C GLU D 32 13.22 -4.96 -1.79
N ARG D 33 12.15 -4.75 -1.03
CA ARG D 33 12.09 -3.64 -0.09
C ARG D 33 13.05 -3.89 1.07
N LYS D 34 13.34 -5.17 1.36
CA LYS D 34 14.29 -5.56 2.38
C LYS D 34 15.71 -5.15 2.00
N GLY D 35 15.98 -5.16 0.68
CA GLY D 35 17.31 -4.83 0.19
C GLY D 35 18.04 -5.99 -0.50
N PHE D 36 17.43 -7.15 -0.58
CA PHE D 36 18.10 -8.26 -1.22
C PHE D 36 18.15 -8.07 -2.72
N LYS D 37 19.13 -8.75 -3.33
CA LYS D 37 19.44 -8.61 -4.74
C LYS D 37 18.92 -9.84 -5.47
N LEU D 38 18.04 -9.63 -6.42
CA LEU D 38 17.51 -10.68 -7.26
C LEU D 38 18.54 -11.05 -8.31
N VAL D 39 19.02 -12.30 -8.28
CA VAL D 39 20.03 -12.73 -9.22
C VAL D 39 19.55 -13.83 -10.14
N ALA D 40 18.40 -14.42 -9.97
CA ALA D 40 17.83 -15.32 -10.95
C ALA D 40 16.32 -15.39 -10.76
N LEU D 41 15.59 -15.63 -11.84
CA LEU D 41 14.15 -15.60 -11.82
C LEU D 41 13.62 -16.34 -13.03
N LYS D 42 12.64 -17.22 -12.81
CA LYS D 42 11.92 -17.80 -13.94
C LYS D 42 10.61 -18.43 -13.49
N LEU D 43 9.63 -18.35 -14.37
CA LEU D 43 8.39 -19.09 -14.27
C LEU D 43 8.57 -20.43 -14.95
N VAL D 44 8.33 -21.50 -14.22
CA VAL D 44 8.59 -22.85 -14.68
C VAL D 44 7.51 -23.80 -14.19
N GLN D 45 7.40 -24.94 -14.86
CA GLN D 45 6.65 -26.06 -14.31
C GLN D 45 7.63 -27.21 -14.08
N ALA D 46 7.87 -27.55 -12.82
CA ALA D 46 8.87 -28.51 -12.43
C ALA D 46 8.34 -29.93 -12.63
N SER D 47 9.23 -30.82 -13.01
CA SER D 47 8.90 -32.24 -13.12
C SER D 47 8.80 -32.91 -11.75
N GLU D 48 8.07 -34.03 -11.66
CA GLU D 48 8.05 -34.80 -10.43
C GLU D 48 9.47 -35.30 -10.13
N GLU D 49 10.27 -35.58 -11.18
CA GLU D 49 11.62 -36.10 -10.96
C GLU D 49 12.46 -35.06 -10.24
N LEU D 50 12.32 -33.81 -10.68
CA LEU D 50 13.12 -32.78 -10.07
C LEU D 50 12.65 -32.56 -8.63
N LEU D 51 11.32 -32.55 -8.42
CA LEU D 51 10.75 -32.24 -7.13
C LEU D 51 11.01 -33.34 -6.09
N ARG D 52 11.09 -34.59 -6.54
CA ARG D 52 11.41 -35.69 -5.66
C ARG D 52 12.80 -35.48 -5.10
N GLU D 53 13.68 -34.95 -5.95
CA GLU D 53 15.04 -34.67 -5.52
C GLU D 53 15.02 -33.43 -4.61
N HIS D 54 14.29 -32.41 -5.02
CA HIS D 54 14.20 -31.19 -4.21
C HIS D 54 13.85 -31.53 -2.76
N TYR D 55 12.79 -32.32 -2.60
CA TYR D 55 12.25 -32.64 -1.28
C TYR D 55 12.72 -33.99 -0.73
N ALA D 56 13.90 -34.46 -1.15
CA ALA D 56 14.36 -35.78 -0.79
C ALA D 56 14.53 -35.94 0.71
N GLU D 57 14.78 -34.85 1.47
CA GLU D 57 14.87 -34.95 2.92
C GLU D 57 13.55 -35.37 3.57
N LEU D 58 12.45 -35.15 2.87
CA LEU D 58 11.13 -35.39 3.38
C LEU D 58 10.53 -36.71 2.88
N ARG D 59 11.37 -37.59 2.31
CA ARG D 59 10.83 -38.71 1.54
C ARG D 59 10.10 -39.71 2.44
N GLU D 60 10.37 -39.75 3.75
CA GLU D 60 9.68 -40.69 4.63
C GLU D 60 8.46 -40.05 5.31
N ARG D 61 8.18 -38.79 4.97
CA ARG D 61 7.07 -38.08 5.63
C ARG D 61 5.78 -38.46 4.91
N PRO D 62 4.66 -38.61 5.64
CA PRO D 62 3.45 -39.08 4.98
C PRO D 62 2.94 -38.20 3.85
N PHE D 63 3.27 -36.91 3.85
CA PHE D 63 2.75 -35.94 2.89
C PHE D 63 3.67 -35.78 1.68
N TYR D 64 4.82 -36.47 1.68
CA TYR D 64 5.82 -36.32 0.63
C TYR D 64 5.21 -36.45 -0.75
N GLY D 65 4.44 -37.52 -0.98
CA GLY D 65 3.90 -37.78 -2.30
C GLY D 65 2.97 -36.65 -2.75
N ARG D 66 2.09 -36.22 -1.83
CA ARG D 66 1.13 -35.23 -2.28
C ARG D 66 1.82 -33.89 -2.47
N LEU D 67 2.87 -33.61 -1.67
CA LEU D 67 3.63 -32.37 -1.82
C LEU D 67 4.29 -32.31 -3.20
N VAL D 68 4.96 -33.38 -3.62
CA VAL D 68 5.61 -33.48 -4.91
C VAL D 68 4.58 -33.34 -6.04
N LYS D 69 3.44 -34.01 -5.94
CA LYS D 69 2.45 -33.96 -7.02
C LYS D 69 1.90 -32.55 -7.16
N TYR D 70 1.62 -31.90 -6.01
CA TYR D 70 1.08 -30.57 -6.00
C TYR D 70 2.06 -29.57 -6.60
N MET D 71 3.32 -29.63 -6.15
CA MET D 71 4.29 -28.67 -6.64
C MET D 71 4.52 -28.89 -8.14
N ALA D 72 4.24 -30.10 -8.66
CA ALA D 72 4.37 -30.37 -10.09
C ALA D 72 3.10 -30.00 -10.88
N SER D 73 2.01 -29.63 -10.17
CA SER D 73 0.70 -29.54 -10.80
C SER D 73 0.51 -28.26 -11.59
N GLY D 74 1.28 -27.22 -11.26
CA GLY D 74 1.11 -25.96 -11.92
C GLY D 74 2.36 -25.11 -11.85
N PRO D 75 2.35 -23.91 -12.43
CA PRO D 75 3.53 -23.08 -12.44
C PRO D 75 4.01 -22.58 -11.09
N VAL D 76 5.31 -22.46 -10.98
CA VAL D 76 5.97 -21.87 -9.84
C VAL D 76 6.93 -20.81 -10.35
N VAL D 77 7.21 -19.83 -9.50
CA VAL D 77 8.20 -18.83 -9.81
C VAL D 77 9.43 -19.11 -8.98
N ALA D 78 10.48 -19.57 -9.66
CA ALA D 78 11.75 -19.89 -9.03
C ALA D 78 12.62 -18.65 -9.01
N MET D 79 13.34 -18.44 -7.89
CA MET D 79 14.14 -17.25 -7.70
C MET D 79 15.40 -17.55 -6.90
N VAL D 80 16.39 -16.70 -7.13
CA VAL D 80 17.55 -16.67 -6.27
C VAL D 80 17.80 -15.25 -5.82
N TRP D 81 17.93 -15.11 -4.52
CA TRP D 81 18.19 -13.83 -3.89
C TRP D 81 19.54 -13.87 -3.19
N GLN D 82 20.22 -12.73 -3.18
CA GLN D 82 21.56 -12.59 -2.68
C GLN D 82 21.59 -11.52 -1.60
N GLY D 83 22.31 -11.80 -0.52
CA GLY D 83 22.63 -10.79 0.46
C GLY D 83 23.07 -11.41 1.77
N LEU D 84 23.52 -10.54 2.67
CA LEU D 84 24.00 -10.96 3.97
C LEU D 84 22.89 -11.70 4.71
N ASP D 85 23.18 -12.92 5.16
CA ASP D 85 22.28 -13.74 5.94
C ASP D 85 20.97 -13.95 5.22
N VAL D 86 20.98 -13.97 3.90
CA VAL D 86 19.74 -14.02 3.16
C VAL D 86 18.97 -15.33 3.43
N VAL D 87 19.64 -16.47 3.68
CA VAL D 87 18.90 -17.70 3.90
C VAL D 87 18.05 -17.56 5.17
N ARG D 88 18.72 -17.29 6.28
CA ARG D 88 18.00 -17.19 7.58
C ARG D 88 16.95 -16.08 7.55
N THR D 89 17.32 -14.95 6.99
CA THR D 89 16.41 -13.81 7.02
C THR D 89 15.22 -14.09 6.13
N SER D 90 15.43 -14.68 4.97
CA SER D 90 14.29 -15.03 4.14
C SER D 90 13.30 -15.95 4.87
N ARG D 91 13.83 -16.95 5.57
CA ARG D 91 12.96 -17.82 6.35
C ARG D 91 12.15 -17.02 7.38
N ALA D 92 12.76 -15.99 7.96
CA ALA D 92 12.02 -15.19 8.93
C ALA D 92 10.91 -14.40 8.22
N LEU D 93 11.17 -13.87 7.06
CA LEU D 93 10.20 -13.07 6.31
C LEU D 93 9.05 -13.94 5.87
N ILE D 94 9.34 -15.22 5.51
CA ILE D 94 8.32 -16.15 5.09
C ILE D 94 7.40 -16.54 6.23
N GLY D 95 8.04 -16.90 7.34
CA GLY D 95 7.33 -17.36 8.50
C GLY D 95 7.23 -18.87 8.63
N ALA D 96 6.67 -19.28 9.76
CA ALA D 96 6.59 -20.70 10.16
C ALA D 96 5.91 -21.53 9.08
N THR D 97 6.30 -22.81 9.02
CA THR D 97 5.81 -23.72 8.01
C THR D 97 4.28 -23.78 8.03
N ASN D 98 3.72 -23.90 9.25
CA ASN D 98 2.28 -23.90 9.43
C ASN D 98 1.86 -22.44 9.60
N PRO D 99 1.04 -21.87 8.67
CA PRO D 99 0.66 -20.46 8.80
C PRO D 99 -0.03 -20.11 10.12
N ALA D 100 -0.61 -21.12 10.79
CA ALA D 100 -1.23 -20.88 12.09
C ALA D 100 -0.19 -20.42 13.12
N ASP D 101 1.07 -20.75 12.89
CA ASP D 101 2.15 -20.43 13.79
C ASP D 101 2.95 -19.21 13.32
N ALA D 102 2.63 -18.66 12.14
CA ALA D 102 3.40 -17.57 11.57
C ALA D 102 2.77 -16.24 11.98
N PRO D 103 3.50 -15.33 12.63
CA PRO D 103 2.91 -14.08 13.05
C PRO D 103 2.56 -13.17 11.90
N PRO D 104 1.58 -12.29 12.12
CA PRO D 104 1.32 -11.17 11.22
C PRO D 104 2.61 -10.42 10.96
N GLY D 105 2.77 -9.99 9.71
CA GLY D 105 4.00 -9.35 9.29
C GLY D 105 4.85 -10.25 8.42
N THR D 106 4.72 -11.56 8.64
CA THR D 106 5.36 -12.54 7.77
C THR D 106 4.46 -12.83 6.56
N ILE D 107 5.06 -13.38 5.46
CA ILE D 107 4.28 -13.72 4.30
C ILE D 107 3.17 -14.69 4.66
N ARG D 108 3.56 -15.80 5.30
CA ARG D 108 2.53 -16.78 5.62
C ARG D 108 1.53 -16.26 6.66
N GLY D 109 2.04 -15.47 7.60
CA GLY D 109 1.13 -14.91 8.58
C GLY D 109 0.11 -13.94 8.00
N ASP D 110 0.47 -13.20 6.98
CA ASP D 110 -0.38 -12.22 6.35
C ASP D 110 -1.33 -12.84 5.33
N PHE D 111 -0.91 -13.96 4.66
CA PHE D 111 -1.57 -14.37 3.43
C PHE D 111 -2.12 -15.78 3.43
N CYS D 112 -1.76 -16.62 4.40
CA CYS D 112 -2.09 -18.05 4.30
C CYS D 112 -2.78 -18.59 5.55
N ILE D 113 -3.39 -19.75 5.37
CA ILE D 113 -4.15 -20.37 6.45
C ILE D 113 -3.59 -21.76 6.79
N GLU D 114 -3.30 -22.58 5.78
CA GLU D 114 -3.07 -24.01 6.00
C GLU D 114 -1.68 -24.38 5.49
N VAL D 115 -1.10 -25.42 6.12
CA VAL D 115 0.27 -25.87 5.88
C VAL D 115 0.46 -26.29 4.43
N GLY D 116 -0.55 -26.91 3.80
CA GLY D 116 -0.40 -27.38 2.43
C GLY D 116 -0.50 -26.29 1.37
N LYS D 117 -0.97 -25.11 1.77
CA LYS D 117 -1.16 -24.00 0.88
C LYS D 117 -0.48 -22.81 1.54
N ASN D 118 0.85 -22.82 1.55
CA ASN D 118 1.66 -21.90 2.30
C ASN D 118 2.60 -21.06 1.43
N LEU D 119 2.22 -20.92 0.17
CA LEU D 119 2.60 -19.85 -0.76
C LEU D 119 4.00 -19.93 -1.35
N ILE D 120 4.99 -20.32 -0.56
CA ILE D 120 6.37 -20.08 -0.93
C ILE D 120 7.23 -21.14 -0.25
N HIS D 121 8.31 -21.48 -0.92
CA HIS D 121 9.39 -22.32 -0.42
C HIS D 121 10.61 -21.44 -0.27
N GLY D 122 11.34 -21.56 0.81
CA GLY D 122 12.67 -20.97 0.97
C GLY D 122 13.63 -22.03 1.51
N SER D 123 14.86 -22.02 1.02
CA SER D 123 15.87 -22.91 1.51
C SER D 123 16.02 -22.80 3.00
N ASP D 124 16.37 -23.92 3.62
CA ASP D 124 16.46 -23.94 5.07
C ASP D 124 17.85 -23.65 5.63
N SER D 125 18.86 -23.72 4.78
CA SER D 125 20.26 -23.54 5.18
C SER D 125 21.09 -23.14 3.96
N VAL D 126 22.30 -22.63 4.22
CA VAL D 126 23.23 -22.30 3.16
C VAL D 126 23.52 -23.49 2.26
N GLU D 127 23.71 -24.67 2.84
CA GLU D 127 24.07 -25.86 2.04
C GLU D 127 22.87 -26.35 1.26
N SER D 128 21.64 -26.25 1.86
N SER D 128 21.63 -26.24 1.85
CA SER D 128 20.43 -26.62 1.15
CA SER D 128 20.48 -26.68 1.09
C SER D 128 20.23 -25.64 0.01
C SER D 128 20.18 -25.64 0.01
N ALA D 129 20.51 -24.36 0.27
CA ALA D 129 20.37 -23.35 -0.78
C ALA D 129 21.29 -23.68 -1.98
N ARG D 130 22.55 -24.01 -1.70
CA ARG D 130 23.50 -24.33 -2.77
C ARG D 130 22.94 -25.46 -3.60
N ARG D 131 22.44 -26.49 -2.94
CA ARG D 131 21.89 -27.69 -3.62
C ARG D 131 20.66 -27.34 -4.48
N GLU D 132 19.73 -26.55 -3.89
CA GLU D 132 18.51 -26.17 -4.58
C GLU D 132 18.79 -25.24 -5.77
N ILE D 133 19.68 -24.26 -5.57
CA ILE D 133 19.98 -23.37 -6.68
C ILE D 133 20.51 -24.19 -7.86
N ALA D 134 21.39 -25.18 -7.55
CA ALA D 134 22.00 -25.99 -8.60
C ALA D 134 20.95 -26.85 -9.28
N LEU D 135 19.99 -27.36 -8.52
CA LEU D 135 18.94 -28.21 -9.03
C LEU D 135 18.00 -27.45 -9.99
N TRP D 136 17.67 -26.18 -9.69
CA TRP D 136 16.63 -25.50 -10.44
C TRP D 136 17.20 -24.64 -11.55
N PHE D 137 18.43 -24.15 -11.38
CA PHE D 137 18.99 -23.19 -12.31
C PHE D 137 20.29 -23.67 -12.94
N ARG D 138 20.42 -23.31 -14.21
CA ARG D 138 21.67 -23.39 -14.90
C ARG D 138 22.57 -22.26 -14.46
N ALA D 139 23.88 -22.48 -14.49
CA ALA D 139 24.82 -21.49 -14.06
C ALA D 139 24.66 -20.18 -14.81
N ASP D 140 24.28 -20.21 -16.09
CA ASP D 140 24.19 -19.00 -16.88
C ASP D 140 22.90 -18.24 -16.63
N GLU D 141 22.04 -18.78 -15.76
CA GLU D 141 20.80 -18.10 -15.37
C GLU D 141 21.00 -17.22 -14.13
N LEU D 142 22.18 -17.31 -13.49
N LEU D 142 22.18 -17.30 -13.50
CA LEU D 142 22.49 -16.49 -12.34
CA LEU D 142 22.51 -16.50 -12.34
C LEU D 142 23.28 -15.29 -12.82
C LEU D 142 23.29 -15.29 -12.80
N LEU D 143 22.74 -14.09 -12.61
CA LEU D 143 23.30 -12.88 -13.17
C LEU D 143 24.09 -12.06 -12.15
N CYS D 144 25.24 -11.55 -12.62
CA CYS D 144 26.06 -10.63 -11.84
C CYS D 144 25.74 -9.23 -12.32
N TRP D 145 25.26 -8.39 -11.42
CA TRP D 145 25.03 -7.01 -11.76
C TRP D 145 25.53 -6.14 -10.62
N GLU D 146 25.82 -4.87 -10.91
CA GLU D 146 26.38 -3.96 -9.93
C GLU D 146 25.23 -3.19 -9.29
N ASP D 147 25.06 -3.40 -8.01
CA ASP D 147 23.89 -2.97 -7.28
C ASP D 147 24.08 -1.54 -6.81
N SER D 148 23.34 -0.63 -7.43
CA SER D 148 23.39 0.80 -7.15
C SER D 148 23.09 1.13 -5.69
N ALA D 149 22.38 0.23 -4.99
CA ALA D 149 22.01 0.50 -3.61
C ALA D 149 22.97 -0.13 -2.63
N GLY D 150 23.98 -0.86 -3.10
CA GLY D 150 24.82 -1.63 -2.19
C GLY D 150 25.52 -0.80 -1.12
N HIS D 151 25.98 0.41 -1.49
CA HIS D 151 26.64 1.32 -0.57
C HIS D 151 25.73 1.78 0.55
N TRP D 152 24.41 1.69 0.34
CA TRP D 152 23.42 2.13 1.32
C TRP D 152 22.79 0.98 2.09
N LEU D 153 23.13 -0.25 1.73
CA LEU D 153 22.71 -1.43 2.46
C LEU D 153 23.83 -2.01 3.32
N TYR D 154 25.08 -1.86 2.85
CA TYR D 154 26.21 -2.50 3.49
C TYR D 154 27.26 -1.49 3.91
N GLU D 155 28.10 -1.91 4.86
CA GLU D 155 29.28 -1.17 5.26
C GLU D 155 30.42 -1.48 4.29
N GLY E 1 4.62 12.66 30.45
CA GLY E 1 4.65 13.15 31.84
C GLY E 1 3.97 12.15 32.76
N HIS E 2 3.39 12.62 33.87
CA HIS E 2 2.62 11.71 34.76
C HIS E 2 1.17 12.18 34.87
N MET E 3 0.79 13.22 34.15
CA MET E 3 -0.63 13.58 34.23
C MET E 3 -1.46 12.43 33.66
N THR E 4 -1.24 12.16 32.38
CA THR E 4 -1.80 11.01 31.66
C THR E 4 -0.71 10.21 30.93
N GLY E 5 0.49 10.81 30.74
CA GLY E 5 1.56 10.24 29.94
C GLY E 5 1.52 10.61 28.47
N ALA E 6 0.44 11.24 28.00
CA ALA E 6 0.23 11.43 26.58
C ALA E 6 1.16 12.48 25.96
N HIS E 7 1.90 13.26 26.76
CA HIS E 7 2.77 14.28 26.23
C HIS E 7 4.23 13.84 26.20
N GLU E 8 4.49 12.56 26.49
CA GLU E 8 5.83 11.98 26.30
C GLU E 8 6.27 12.21 24.86
N ARG E 9 7.57 12.46 24.73
CA ARG E 9 8.15 12.72 23.39
C ARG E 9 9.40 11.86 23.18
N THR E 10 9.60 11.45 21.92
CA THR E 10 10.83 10.75 21.54
C THR E 10 11.46 11.49 20.37
N PHE E 11 12.80 11.34 20.28
CA PHE E 11 13.54 11.75 19.12
C PHE E 11 13.74 10.58 18.14
N LEU E 12 13.33 10.79 16.88
CA LEU E 12 13.52 9.81 15.83
C LEU E 12 14.29 10.49 14.72
N ALA E 13 15.17 9.77 14.05
CA ALA E 13 15.90 10.33 12.93
C ALA E 13 15.98 9.29 11.84
N VAL E 14 15.65 9.68 10.63
CA VAL E 14 15.92 8.84 9.46
C VAL E 14 17.36 9.10 9.03
N LYS E 15 18.15 8.03 9.04
CA LYS E 15 19.57 8.12 8.72
C LYS E 15 19.79 8.26 7.21
N PRO E 16 21.02 8.58 6.76
CA PRO E 16 21.21 8.87 5.35
C PRO E 16 20.76 7.76 4.40
N ASP E 17 20.93 6.50 4.84
CA ASP E 17 20.51 5.41 3.99
C ASP E 17 19.00 5.46 3.72
N GLY E 18 18.20 5.88 4.73
CA GLY E 18 16.77 5.99 4.53
C GLY E 18 16.38 7.09 3.53
N VAL E 19 17.15 8.17 3.52
CA VAL E 19 16.95 9.21 2.52
C VAL E 19 17.31 8.67 1.14
N GLN E 20 18.51 8.08 1.01
CA GLN E 20 18.97 7.58 -0.28
C GLN E 20 18.08 6.51 -0.86
N ARG E 21 17.55 5.65 0.00
CA ARG E 21 16.70 4.56 -0.43
C ARG E 21 15.23 4.93 -0.55
N ARG E 22 14.90 6.21 -0.32
CA ARG E 22 13.55 6.70 -0.57
C ARG E 22 12.54 6.03 0.37
N LEU E 23 12.91 5.98 1.65
CA LEU E 23 12.03 5.43 2.67
C LEU E 23 11.59 6.48 3.68
N VAL E 24 11.77 7.77 3.40
CA VAL E 24 11.33 8.77 4.39
C VAL E 24 9.82 8.73 4.55
N GLY E 25 9.08 8.77 3.46
CA GLY E 25 7.63 8.79 3.55
C GLY E 25 7.11 7.52 4.16
N GLU E 26 7.71 6.39 3.79
N GLU E 26 7.69 6.37 3.78
CA GLU E 26 7.29 5.12 4.37
CA GLU E 26 7.29 5.10 4.37
C GLU E 26 7.43 5.12 5.89
C GLU E 26 7.43 5.11 5.90
N ILE E 27 8.57 5.63 6.37
CA ILE E 27 8.80 5.70 7.78
C ILE E 27 7.80 6.64 8.47
N VAL E 28 7.67 7.85 7.91
CA VAL E 28 6.75 8.80 8.54
C VAL E 28 5.34 8.22 8.59
N ARG E 29 4.91 7.58 7.52
CA ARG E 29 3.54 7.02 7.43
C ARG E 29 3.32 5.96 8.53
N ARG E 30 4.34 5.21 8.89
CA ARG E 30 4.15 4.20 9.97
C ARG E 30 3.88 4.90 11.32
N PHE E 31 4.52 6.01 11.55
CA PHE E 31 4.29 6.71 12.85
C PHE E 31 2.93 7.43 12.79
N GLU E 32 2.58 7.98 11.65
CA GLU E 32 1.28 8.65 11.48
C GLU E 32 0.16 7.64 11.67
N ARG E 33 0.28 6.47 11.08
CA ARG E 33 -0.83 5.50 11.13
C ARG E 33 -0.96 4.91 12.55
N LYS E 34 0.11 4.92 13.32
CA LYS E 34 0.07 4.41 14.68
C LYS E 34 -0.71 5.38 15.60
N GLY E 35 -0.75 6.66 15.24
CA GLY E 35 -1.54 7.63 15.97
C GLY E 35 -0.69 8.65 16.69
N PHE E 36 0.64 8.60 16.56
CA PHE E 36 1.47 9.55 17.28
C PHE E 36 1.37 10.91 16.60
N LYS E 37 1.70 11.94 17.36
CA LYS E 37 1.60 13.32 16.91
C LYS E 37 3.01 13.81 16.58
N LEU E 38 3.15 14.23 15.33
CA LEU E 38 4.37 14.86 14.87
C LEU E 38 4.47 16.27 15.44
N VAL E 39 5.52 16.53 16.23
CA VAL E 39 5.62 17.87 16.80
C VAL E 39 6.88 18.63 16.35
N ALA E 40 7.80 17.96 15.66
CA ALA E 40 8.91 18.66 15.09
C ALA E 40 9.43 17.81 13.93
N LEU E 41 10.02 18.49 12.97
CA LEU E 41 10.54 17.85 11.78
C LEU E 41 11.48 18.78 11.05
N LYS E 42 12.68 18.28 10.68
CA LYS E 42 13.52 19.03 9.77
C LYS E 42 14.54 18.12 9.10
N LEU E 43 14.89 18.47 7.87
CA LEU E 43 16.01 17.85 7.18
C LEU E 43 17.27 18.63 7.47
N VAL E 44 18.31 17.91 7.91
CA VAL E 44 19.57 18.56 8.26
C VAL E 44 20.77 17.78 7.78
N GLN E 45 21.83 18.55 7.53
CA GLN E 45 23.17 18.02 7.33
C GLN E 45 23.86 18.13 8.68
N ALA E 46 23.89 17.01 9.40
CA ALA E 46 24.42 17.00 10.75
C ALA E 46 25.93 17.16 10.73
N SER E 47 26.44 18.03 11.60
CA SER E 47 27.87 18.27 11.72
C SER E 47 28.52 17.13 12.50
N GLU E 48 29.78 16.81 12.15
CA GLU E 48 30.56 15.85 12.90
C GLU E 48 30.45 16.16 14.40
N GLU E 49 30.30 17.44 14.77
CA GLU E 49 30.27 17.89 16.16
C GLU E 49 29.02 17.37 16.88
N LEU E 50 27.85 17.76 16.38
CA LEU E 50 26.57 17.37 16.95
C LEU E 50 26.53 15.85 17.15
N LEU E 51 27.02 15.13 16.13
CA LEU E 51 26.97 13.68 16.10
C LEU E 51 27.91 13.08 17.15
N ARG E 52 29.10 13.64 17.33
CA ARG E 52 29.99 13.15 18.38
C ARG E 52 29.28 13.22 19.74
N GLU E 53 28.47 14.27 19.95
CA GLU E 53 27.70 14.42 21.18
C GLU E 53 26.46 13.51 21.22
N HIS E 54 25.84 13.32 20.05
CA HIS E 54 24.70 12.42 19.98
C HIS E 54 25.10 11.03 20.48
N TYR E 55 26.28 10.57 20.05
CA TYR E 55 26.75 9.19 20.23
C TYR E 55 27.89 9.15 21.26
N ALA E 56 27.97 10.18 22.11
CA ALA E 56 28.96 10.22 23.17
C ALA E 56 29.10 8.86 23.85
N GLU E 57 27.96 8.25 24.22
CA GLU E 57 27.97 6.99 24.96
C GLU E 57 28.74 5.91 24.20
N LEU E 58 28.81 5.96 22.86
CA LEU E 58 29.44 4.92 22.08
C LEU E 58 30.90 5.26 21.74
N ARG E 59 31.51 6.17 22.51
CA ARG E 59 32.81 6.69 22.13
C ARG E 59 33.87 5.59 22.17
N GLU E 60 33.74 4.56 23.04
CA GLU E 60 34.75 3.52 23.15
C GLU E 60 34.49 2.35 22.20
N ARG E 61 33.37 2.36 21.48
CA ARG E 61 33.06 1.29 20.53
C ARG E 61 33.93 1.43 19.28
N PRO E 62 34.46 0.32 18.71
CA PRO E 62 35.36 0.38 17.55
C PRO E 62 34.77 0.93 16.25
N PHE E 63 33.45 1.10 16.20
CA PHE E 63 32.75 1.55 15.00
C PHE E 63 32.44 3.05 15.07
N TYR E 64 32.84 3.72 16.16
CA TYR E 64 32.35 5.05 16.52
C TYR E 64 32.67 6.09 15.45
N GLY E 65 33.93 6.12 15.02
CA GLY E 65 34.35 7.02 13.94
C GLY E 65 33.55 6.77 12.66
N ARG E 66 33.30 5.49 12.34
CA ARG E 66 32.63 5.12 11.11
C ARG E 66 31.14 5.45 11.22
N LEU E 67 30.58 5.45 12.45
CA LEU E 67 29.20 5.82 12.71
C LEU E 67 29.01 7.33 12.49
N VAL E 68 29.92 8.13 13.05
CA VAL E 68 29.85 9.58 12.94
C VAL E 68 30.06 9.97 11.47
N LYS E 69 31.07 9.38 10.81
CA LYS E 69 31.33 9.72 9.41
C LYS E 69 30.09 9.38 8.57
N TYR E 70 29.50 8.22 8.84
CA TYR E 70 28.34 7.82 8.06
C TYR E 70 27.13 8.73 8.28
N MET E 71 26.92 9.17 9.54
CA MET E 71 25.72 9.95 9.83
C MET E 71 25.86 11.37 9.26
N ALA E 72 27.09 11.74 8.85
CA ALA E 72 27.35 13.01 8.17
C ALA E 72 27.43 12.83 6.65
N SER E 73 27.20 11.60 6.13
CA SER E 73 27.51 11.27 4.73
C SER E 73 26.34 11.62 3.81
N GLY E 74 25.25 12.09 4.41
CA GLY E 74 24.13 12.59 3.66
C GLY E 74 23.11 13.22 4.59
N PRO E 75 21.96 13.67 4.05
CA PRO E 75 20.93 14.27 4.89
C PRO E 75 20.34 13.31 5.89
N VAL E 76 19.90 13.86 7.03
CA VAL E 76 19.15 13.15 8.06
C VAL E 76 17.81 13.86 8.24
N VAL E 77 16.76 13.09 8.46
CA VAL E 77 15.44 13.64 8.80
C VAL E 77 15.22 13.53 10.30
N ALA E 78 15.29 14.67 11.00
CA ALA E 78 15.20 14.72 12.43
C ALA E 78 13.73 14.97 12.78
N MET E 79 13.19 14.26 13.76
CA MET E 79 11.77 14.30 14.11
C MET E 79 11.62 14.21 15.63
N VAL E 80 10.48 14.76 16.10
CA VAL E 80 9.98 14.54 17.44
C VAL E 80 8.55 14.10 17.33
N TRP E 81 8.23 12.96 17.95
CA TRP E 81 6.89 12.43 18.00
C TRP E 81 6.40 12.39 19.45
N GLN E 82 5.09 12.58 19.64
CA GLN E 82 4.48 12.71 20.96
C GLN E 82 3.35 11.72 21.10
N GLY E 83 3.27 11.15 22.30
CA GLY E 83 2.11 10.32 22.63
C GLY E 83 2.42 9.37 23.79
N LEU E 84 1.36 8.68 24.27
CA LEU E 84 1.51 7.74 25.35
C LEU E 84 2.53 6.67 25.00
N ASP E 85 3.51 6.49 25.90
N ASP E 85 3.49 6.48 25.90
CA ASP E 85 4.54 5.44 25.76
CA ASP E 85 4.56 5.49 25.81
C ASP E 85 5.24 5.54 24.40
C ASP E 85 5.27 5.56 24.46
N VAL E 86 5.43 6.76 23.89
CA VAL E 86 6.00 6.88 22.55
C VAL E 86 7.45 6.40 22.52
N VAL E 87 8.22 6.57 23.56
CA VAL E 87 9.63 6.12 23.50
C VAL E 87 9.72 4.60 23.35
N ARG E 88 9.03 3.86 24.22
CA ARG E 88 9.07 2.41 24.18
C ARG E 88 8.41 1.88 22.90
N THR E 89 7.26 2.44 22.57
CA THR E 89 6.54 1.98 21.40
C THR E 89 7.33 2.22 20.11
N SER E 90 7.92 3.40 19.98
CA SER E 90 8.69 3.70 18.81
C SER E 90 9.84 2.70 18.67
N ARG E 91 10.47 2.30 19.77
CA ARG E 91 11.54 1.34 19.67
C ARG E 91 10.99 0.02 19.16
N ALA E 92 9.78 -0.36 19.57
CA ALA E 92 9.20 -1.60 19.12
C ALA E 92 8.88 -1.54 17.62
N LEU E 93 8.38 -0.38 17.16
CA LEU E 93 8.03 -0.22 15.76
C LEU E 93 9.27 -0.27 14.87
N ILE E 94 10.37 0.27 15.36
CA ILE E 94 11.62 0.25 14.61
C ILE E 94 12.23 -1.14 14.56
N GLY E 95 12.22 -1.85 15.67
CA GLY E 95 12.80 -3.18 15.81
C GLY E 95 14.25 -3.11 16.28
N ALA E 96 14.81 -4.31 16.55
CA ALA E 96 16.14 -4.47 17.09
C ALA E 96 17.20 -3.74 16.28
N THR E 97 18.25 -3.35 16.99
CA THR E 97 19.39 -2.64 16.40
C THR E 97 19.96 -3.33 15.20
N ASN E 98 20.19 -4.63 15.37
CA ASN E 98 20.60 -5.50 14.30
C ASN E 98 19.36 -5.94 13.54
N PRO E 99 19.21 -5.53 12.26
CA PRO E 99 18.00 -5.87 11.52
C PRO E 99 17.79 -7.37 11.42
N ALA E 100 18.89 -8.15 11.45
CA ALA E 100 18.76 -9.60 11.39
C ALA E 100 17.97 -10.15 12.58
N ASP E 101 17.84 -9.38 13.67
CA ASP E 101 17.10 -9.76 14.87
C ASP E 101 15.73 -9.06 14.95
N ALA E 102 15.43 -8.18 13.99
CA ALA E 102 14.19 -7.41 13.98
C ALA E 102 13.13 -8.20 13.22
N PRO E 103 11.96 -8.49 13.85
CA PRO E 103 10.95 -9.31 13.20
C PRO E 103 10.34 -8.57 12.03
N PRO E 104 9.85 -9.31 11.04
CA PRO E 104 8.99 -8.74 10.00
C PRO E 104 7.84 -8.00 10.65
N GLY E 105 7.48 -6.87 10.03
CA GLY E 105 6.45 -5.98 10.58
C GLY E 105 7.06 -4.74 11.23
N THR E 106 8.32 -4.84 11.70
CA THR E 106 9.07 -3.68 12.16
C THR E 106 9.72 -2.99 10.96
N ILE E 107 10.16 -1.75 11.16
CA ILE E 107 10.81 -1.01 10.12
C ILE E 107 12.11 -1.71 9.70
N ARG E 108 12.94 -2.03 10.66
CA ARG E 108 14.21 -2.66 10.32
C ARG E 108 13.99 -4.07 9.81
N GLY E 109 13.00 -4.77 10.31
CA GLY E 109 12.69 -6.11 9.89
C GLY E 109 12.18 -6.15 8.46
N ASP E 110 11.48 -5.10 8.03
CA ASP E 110 10.95 -5.05 6.68
C ASP E 110 11.92 -4.46 5.66
N PHE E 111 12.81 -3.55 6.06
CA PHE E 111 13.44 -2.66 5.11
C PHE E 111 14.94 -2.64 5.14
N CYS E 112 15.62 -3.35 6.04
CA CYS E 112 17.06 -3.30 5.92
C CYS E 112 17.75 -4.55 6.46
N ILE E 113 19.08 -4.62 6.28
CA ILE E 113 19.77 -5.90 6.42
C ILE E 113 20.85 -5.83 7.49
N GLU E 114 21.65 -4.77 7.50
CA GLU E 114 22.85 -4.80 8.30
C GLU E 114 22.86 -3.71 9.34
N VAL E 115 23.50 -3.97 10.49
CA VAL E 115 23.52 -3.08 11.62
C VAL E 115 24.06 -1.70 11.29
N GLY E 116 25.04 -1.60 10.38
CA GLY E 116 25.63 -0.31 10.05
C GLY E 116 24.80 0.55 9.10
N LYS E 117 23.76 -0.06 8.54
CA LYS E 117 22.87 0.67 7.65
C LYS E 117 21.45 0.27 8.04
N ASN E 118 21.05 0.81 9.21
CA ASN E 118 19.81 0.36 9.82
C ASN E 118 18.72 1.44 9.87
N LEU E 119 18.78 2.41 8.96
CA LEU E 119 17.71 3.31 8.52
C LEU E 119 17.34 4.44 9.45
N ILE E 120 17.30 4.16 10.76
CA ILE E 120 16.59 5.04 11.67
C ILE E 120 17.22 4.92 13.04
N HIS E 121 17.14 5.99 13.80
CA HIS E 121 17.41 6.03 15.22
C HIS E 121 16.15 6.42 15.98
N GLY E 122 15.91 5.77 17.09
CA GLY E 122 14.95 6.22 18.09
C GLY E 122 15.59 6.26 19.46
N SER E 123 15.19 7.25 20.28
CA SER E 123 15.68 7.34 21.66
C SER E 123 15.44 6.03 22.39
N ASP E 124 16.42 5.62 23.22
CA ASP E 124 16.28 4.35 23.91
C ASP E 124 15.59 4.46 25.27
N SER E 125 15.34 5.67 25.74
CA SER E 125 14.77 5.87 27.06
C SER E 125 14.19 7.26 27.15
N VAL E 126 13.37 7.50 28.16
CA VAL E 126 12.83 8.85 28.34
C VAL E 126 13.96 9.85 28.59
N GLU E 127 14.94 9.50 29.41
N GLU E 127 14.94 9.50 29.41
CA GLU E 127 16.01 10.48 29.68
CA GLU E 127 16.01 10.45 29.69
C GLU E 127 16.84 10.74 28.42
C GLU E 127 16.83 10.74 28.43
N SER E 128 17.08 9.70 27.62
N SER E 128 17.11 9.72 27.60
CA SER E 128 17.83 9.86 26.37
CA SER E 128 17.90 9.99 26.42
C SER E 128 17.05 10.77 25.44
C SER E 128 17.06 10.79 25.43
N ALA E 129 15.74 10.57 25.39
CA ALA E 129 14.89 11.36 24.51
C ALA E 129 14.94 12.83 24.92
N ARG E 130 14.90 13.10 26.23
CA ARG E 130 15.02 14.47 26.70
C ARG E 130 16.31 15.11 26.18
N ARG E 131 17.41 14.37 26.29
CA ARG E 131 18.71 14.88 25.92
C ARG E 131 18.79 15.05 24.40
N GLU E 132 18.28 14.09 23.65
CA GLU E 132 18.39 14.13 22.20
C GLU E 132 17.53 15.25 21.65
N ILE E 133 16.32 15.41 22.21
CA ILE E 133 15.45 16.45 21.71
C ILE E 133 16.12 17.79 21.91
N ALA E 134 16.70 18.00 23.10
CA ALA E 134 17.39 19.24 23.38
C ALA E 134 18.57 19.46 22.44
N LEU E 135 19.30 18.41 22.12
CA LEU E 135 20.49 18.54 21.29
C LEU E 135 20.14 18.89 19.85
N TRP E 136 19.06 18.33 19.29
CA TRP E 136 18.79 18.44 17.88
C TRP E 136 17.83 19.57 17.53
N PHE E 137 17.00 19.98 18.49
CA PHE E 137 15.95 20.96 18.23
C PHE E 137 16.03 22.14 19.19
N ARG E 138 15.66 23.29 18.64
CA ARG E 138 15.36 24.48 19.39
C ARG E 138 13.98 24.32 20.02
N ALA E 139 13.74 24.99 21.15
CA ALA E 139 12.43 24.89 21.76
C ALA E 139 11.33 25.40 20.82
N ASP E 140 11.61 26.44 20.02
CA ASP E 140 10.60 27.01 19.16
C ASP E 140 10.35 26.17 17.89
N GLU E 141 11.06 25.04 17.73
CA GLU E 141 10.81 24.11 16.64
C GLU E 141 9.85 23.01 17.08
N LEU E 142 9.55 22.93 18.39
CA LEU E 142 8.62 21.93 18.91
C LEU E 142 7.25 22.60 18.96
N LEU E 143 6.31 22.12 18.16
CA LEU E 143 5.06 22.83 17.96
C LEU E 143 3.94 22.26 18.82
N CYS E 144 3.15 23.19 19.35
CA CYS E 144 1.91 22.88 20.05
C CYS E 144 0.75 23.12 19.08
N TRP E 145 0.04 22.03 18.73
CA TRP E 145 -1.10 22.09 17.83
C TRP E 145 -2.19 21.15 18.32
N GLU E 146 -3.42 21.39 17.86
CA GLU E 146 -4.62 20.70 18.34
C GLU E 146 -4.92 19.51 17.44
N ASP E 147 -4.75 18.30 17.97
CA ASP E 147 -4.74 17.09 17.17
C ASP E 147 -6.18 16.57 17.09
N SER E 148 -6.80 16.80 15.95
CA SER E 148 -8.11 16.29 15.67
C SER E 148 -8.20 14.78 15.92
N ALA E 149 -7.12 14.03 15.70
CA ALA E 149 -7.17 12.57 15.79
C ALA E 149 -7.11 12.07 17.24
N GLY E 150 -6.75 12.94 18.18
CA GLY E 150 -6.50 12.46 19.53
C GLY E 150 -7.77 11.87 20.16
N HIS E 151 -8.89 12.43 19.77
CA HIS E 151 -10.18 12.00 20.29
C HIS E 151 -10.44 10.52 19.96
N TRP E 152 -9.86 10.03 18.86
CA TRP E 152 -10.07 8.66 18.44
C TRP E 152 -8.92 7.76 18.86
N LEU E 153 -7.82 8.30 19.38
CA LEU E 153 -6.71 7.47 19.83
C LEU E 153 -6.65 7.31 21.35
N TYR E 154 -7.29 8.22 22.09
CA TYR E 154 -7.21 8.23 23.55
C TYR E 154 -8.62 8.08 24.11
N GLU E 155 -8.77 7.34 25.20
CA GLU E 155 -10.01 7.24 25.96
C GLU E 155 -10.26 8.53 26.74
N THR F 4 -16.71 -27.73 12.86
CA THR F 4 -17.02 -27.14 11.53
C THR F 4 -15.76 -26.80 10.73
N GLY F 5 -14.55 -26.88 11.31
CA GLY F 5 -13.31 -26.92 10.53
C GLY F 5 -13.18 -25.68 9.66
N ALA F 6 -13.21 -25.82 8.34
CA ALA F 6 -13.07 -24.64 7.49
C ALA F 6 -14.34 -23.79 7.45
N HIS F 7 -15.43 -24.31 8.04
CA HIS F 7 -16.66 -23.56 8.15
C HIS F 7 -16.79 -22.79 9.47
N GLU F 8 -15.74 -22.79 10.32
CA GLU F 8 -15.75 -21.97 11.54
C GLU F 8 -16.05 -20.52 11.17
N ARG F 9 -16.73 -19.78 12.07
CA ARG F 9 -17.02 -18.38 11.85
C ARG F 9 -16.67 -17.58 13.10
N THR F 10 -16.28 -16.32 12.90
CA THR F 10 -16.06 -15.39 14.00
C THR F 10 -16.85 -14.10 13.73
N PHE F 11 -17.12 -13.40 14.83
CA PHE F 11 -17.71 -12.07 14.79
C PHE F 11 -16.57 -11.06 14.99
N LEU F 12 -16.51 -10.09 14.08
CA LEU F 12 -15.58 -9.00 14.21
C LEU F 12 -16.39 -7.71 14.07
N ALA F 13 -15.96 -6.68 14.75
CA ALA F 13 -16.60 -5.40 14.58
C ALA F 13 -15.54 -4.32 14.60
N VAL F 14 -15.61 -3.41 13.63
CA VAL F 14 -14.78 -2.22 13.64
C VAL F 14 -15.50 -1.25 14.61
N LYS F 15 -14.77 -0.82 15.62
CA LYS F 15 -15.32 0.06 16.64
C LYS F 15 -15.41 1.48 16.10
N PRO F 16 -16.12 2.38 16.81
CA PRO F 16 -16.35 3.72 16.27
C PRO F 16 -15.09 4.44 15.81
N ASP F 17 -14.00 4.24 16.57
CA ASP F 17 -12.74 4.86 16.22
C ASP F 17 -12.21 4.37 14.87
N GLY F 18 -12.45 3.12 14.52
CA GLY F 18 -11.99 2.63 13.23
C GLY F 18 -12.74 3.27 12.07
N VAL F 19 -14.04 3.52 12.28
CA VAL F 19 -14.83 4.18 11.27
C VAL F 19 -14.39 5.64 11.11
N GLN F 20 -14.26 6.34 12.21
CA GLN F 20 -13.85 7.73 12.23
C GLN F 20 -12.47 7.96 11.61
N ARG F 21 -11.55 7.05 11.91
CA ARG F 21 -10.19 7.15 11.40
C ARG F 21 -10.02 6.60 9.99
N ARG F 22 -11.12 6.18 9.38
CA ARG F 22 -11.08 5.75 7.94
C ARG F 22 -10.19 4.52 7.79
N LEU F 23 -10.36 3.55 8.65
CA LEU F 23 -9.61 2.33 8.62
C LEU F 23 -10.47 1.11 8.30
N VAL F 24 -11.73 1.29 7.87
CA VAL F 24 -12.56 0.16 7.60
C VAL F 24 -11.99 -0.68 6.44
N GLY F 25 -11.69 -0.04 5.34
CA GLY F 25 -11.14 -0.77 4.20
C GLY F 25 -9.82 -1.45 4.52
N GLU F 26 -8.95 -0.75 5.26
N GLU F 26 -8.95 -0.73 5.24
CA GLU F 26 -7.68 -1.34 5.66
CA GLU F 26 -7.69 -1.28 5.71
C GLU F 26 -7.92 -2.61 6.46
C GLU F 26 -7.92 -2.59 6.46
N ILE F 27 -8.89 -2.59 7.39
CA ILE F 27 -9.12 -3.77 8.19
C ILE F 27 -9.69 -4.91 7.34
N VAL F 28 -10.69 -4.60 6.54
CA VAL F 28 -11.30 -5.61 5.69
C VAL F 28 -10.23 -6.24 4.79
N ARG F 29 -9.39 -5.41 4.21
CA ARG F 29 -8.31 -5.91 3.30
C ARG F 29 -7.37 -6.88 4.03
N ARG F 30 -7.09 -6.69 5.29
CA ARG F 30 -6.23 -7.63 5.97
C ARG F 30 -6.85 -9.00 6.11
N PHE F 31 -8.18 -9.05 6.32
CA PHE F 31 -8.84 -10.34 6.45
C PHE F 31 -9.02 -10.98 5.07
N GLU F 32 -9.30 -10.19 4.05
CA GLU F 32 -9.38 -10.71 2.69
C GLU F 32 -8.05 -11.28 2.24
N ARG F 33 -6.96 -10.58 2.50
CA ARG F 33 -5.67 -11.03 2.01
C ARG F 33 -5.18 -12.29 2.73
N LYS F 34 -5.69 -12.53 3.95
CA LYS F 34 -5.35 -13.72 4.73
C LYS F 34 -6.04 -14.94 4.16
N GLY F 35 -7.17 -14.75 3.45
CA GLY F 35 -7.86 -15.88 2.85
C GLY F 35 -9.23 -16.20 3.42
N PHE F 36 -9.64 -15.45 4.45
CA PHE F 36 -10.92 -15.69 5.06
C PHE F 36 -12.06 -15.20 4.19
N LYS F 37 -13.21 -15.81 4.37
CA LYS F 37 -14.41 -15.56 3.58
C LYS F 37 -15.35 -14.62 4.35
N LEU F 38 -15.65 -13.47 3.74
CA LEU F 38 -16.59 -12.54 4.33
C LEU F 38 -18.00 -13.08 4.09
N VAL F 39 -18.72 -13.34 5.18
CA VAL F 39 -20.06 -13.89 5.08
C VAL F 39 -21.14 -12.98 5.62
N ALA F 40 -20.78 -11.91 6.35
CA ALA F 40 -21.79 -10.94 6.75
C ALA F 40 -21.11 -9.62 7.00
N LEU F 41 -21.84 -8.53 6.74
CA LEU F 41 -21.28 -7.19 6.84
C LEU F 41 -22.39 -6.18 6.93
N LYS F 42 -22.28 -5.28 7.93
CA LYS F 42 -23.21 -4.15 7.98
C LYS F 42 -22.65 -3.00 8.81
N LEU F 43 -23.04 -1.78 8.43
CA LEU F 43 -22.79 -0.60 9.23
C LEU F 43 -24.04 -0.38 10.09
N VAL F 44 -23.85 -0.28 11.39
CA VAL F 44 -24.96 -0.18 12.33
C VAL F 44 -24.59 0.79 13.42
N GLN F 45 -25.65 1.24 14.09
CA GLN F 45 -25.46 1.87 15.37
C GLN F 45 -26.14 1.01 16.42
N ALA F 46 -25.30 0.43 17.26
CA ALA F 46 -25.75 -0.52 18.28
C ALA F 46 -26.38 0.19 19.46
N SER F 47 -27.48 -0.39 19.92
CA SER F 47 -28.11 0.10 21.12
C SER F 47 -27.29 -0.26 22.35
N GLU F 48 -27.50 0.53 23.40
CA GLU F 48 -26.86 0.21 24.67
C GLU F 48 -27.38 -1.13 25.18
N GLU F 49 -28.66 -1.42 24.93
CA GLU F 49 -29.26 -2.69 25.37
C GLU F 49 -28.49 -3.87 24.74
N LEU F 50 -28.21 -3.81 23.44
CA LEU F 50 -27.46 -4.85 22.77
C LEU F 50 -26.05 -4.96 23.35
N LEU F 51 -25.40 -3.81 23.55
CA LEU F 51 -23.99 -3.78 23.96
C LEU F 51 -23.82 -4.25 25.39
N ARG F 52 -24.83 -4.01 26.23
CA ARG F 52 -24.84 -4.57 27.57
C ARG F 52 -24.83 -6.09 27.53
N GLU F 53 -25.57 -6.67 26.58
CA GLU F 53 -25.58 -8.11 26.45
C GLU F 53 -24.26 -8.60 25.85
N HIS F 54 -23.78 -7.88 24.84
CA HIS F 54 -22.52 -8.22 24.18
C HIS F 54 -21.39 -8.37 25.20
N TYR F 55 -21.26 -7.39 26.11
CA TYR F 55 -20.15 -7.39 27.06
C TYR F 55 -20.56 -7.87 28.45
N ALA F 56 -21.61 -8.69 28.52
CA ALA F 56 -22.12 -9.16 29.81
C ALA F 56 -21.04 -9.79 30.70
N GLU F 57 -20.00 -10.44 30.16
CA GLU F 57 -19.00 -11.12 31.00
C GLU F 57 -18.19 -10.08 31.80
N LEU F 58 -18.19 -8.83 31.30
CA LEU F 58 -17.34 -7.79 31.85
C LEU F 58 -18.11 -6.84 32.77
N ARG F 59 -19.38 -7.18 33.00
CA ARG F 59 -20.33 -6.29 33.74
C ARG F 59 -19.89 -5.83 35.14
N GLU F 60 -18.96 -6.53 35.78
CA GLU F 60 -18.49 -6.12 37.10
C GLU F 60 -17.19 -5.32 37.02
N ARG F 61 -16.63 -5.16 35.81
CA ARG F 61 -15.42 -4.37 35.64
C ARG F 61 -15.76 -2.88 35.72
N PRO F 62 -14.85 -2.04 36.27
CA PRO F 62 -15.14 -0.61 36.39
C PRO F 62 -15.33 0.12 35.07
N PHE F 63 -14.73 -0.38 33.96
CA PHE F 63 -14.81 0.24 32.65
C PHE F 63 -16.08 -0.15 31.87
N TYR F 64 -16.88 -1.07 32.41
CA TYR F 64 -17.98 -1.65 31.63
C TYR F 64 -18.94 -0.57 31.13
N GLY F 65 -19.41 0.30 32.03
CA GLY F 65 -20.34 1.36 31.63
C GLY F 65 -19.79 2.24 30.51
N ARG F 66 -18.54 2.69 30.63
CA ARG F 66 -18.07 3.61 29.61
C ARG F 66 -17.79 2.87 28.30
N LEU F 67 -17.42 1.57 28.40
CA LEU F 67 -17.21 0.75 27.21
C LEU F 67 -18.51 0.65 26.42
N VAL F 68 -19.61 0.31 27.11
CA VAL F 68 -20.93 0.28 26.51
C VAL F 68 -21.30 1.63 25.90
N LYS F 69 -21.16 2.72 26.67
CA LYS F 69 -21.53 4.03 26.17
C LYS F 69 -20.75 4.37 24.90
N TYR F 70 -19.46 4.07 24.92
CA TYR F 70 -18.63 4.38 23.78
C TYR F 70 -19.00 3.59 22.52
N MET F 71 -19.15 2.28 22.67
CA MET F 71 -19.49 1.43 21.56
C MET F 71 -20.85 1.81 20.97
N ALA F 72 -21.71 2.47 21.76
CA ALA F 72 -23.04 2.91 21.31
C ALA F 72 -23.03 4.32 20.71
N SER F 73 -21.87 5.00 20.77
CA SER F 73 -21.80 6.43 20.52
C SER F 73 -21.73 6.79 19.05
N GLY F 74 -21.34 5.84 18.20
CA GLY F 74 -21.17 6.10 16.79
C GLY F 74 -21.31 4.82 16.01
N PRO F 75 -21.26 4.86 14.67
CA PRO F 75 -21.36 3.64 13.89
C PRO F 75 -20.21 2.67 14.09
N VAL F 76 -20.59 1.41 14.00
CA VAL F 76 -19.67 0.29 13.99
C VAL F 76 -19.92 -0.52 12.71
N VAL F 77 -18.86 -1.21 12.24
CA VAL F 77 -19.00 -2.13 11.13
C VAL F 77 -18.96 -3.55 11.65
N ALA F 78 -20.11 -4.21 11.67
CA ALA F 78 -20.22 -5.58 12.14
C ALA F 78 -19.95 -6.53 10.98
N MET F 79 -19.23 -7.63 11.28
CA MET F 79 -18.81 -8.56 10.23
C MET F 79 -18.81 -9.97 10.78
N VAL F 80 -18.95 -10.93 9.86
CA VAL F 80 -18.68 -12.34 10.13
C VAL F 80 -17.72 -12.82 9.05
N TRP F 81 -16.66 -13.52 9.52
CA TRP F 81 -15.67 -14.10 8.65
C TRP F 81 -15.60 -15.60 8.90
N GLN F 82 -15.33 -16.33 7.83
CA GLN F 82 -15.35 -17.80 7.87
C GLN F 82 -14.04 -18.40 7.37
N GLY F 83 -13.57 -19.42 8.09
CA GLY F 83 -12.42 -20.18 7.62
C GLY F 83 -11.83 -21.01 8.74
N LEU F 84 -10.83 -21.84 8.40
CA LEU F 84 -10.17 -22.67 9.37
C LEU F 84 -9.52 -21.86 10.47
N ASP F 85 -9.90 -22.17 11.72
CA ASP F 85 -9.31 -21.53 12.89
C ASP F 85 -9.46 -20.02 12.82
N VAL F 86 -10.59 -19.56 12.26
CA VAL F 86 -10.74 -18.13 12.04
C VAL F 86 -10.85 -17.38 13.37
N VAL F 87 -11.44 -17.99 14.40
CA VAL F 87 -11.54 -17.24 15.67
C VAL F 87 -10.15 -16.90 16.20
N ARG F 88 -9.34 -17.95 16.42
CA ARG F 88 -8.04 -17.77 17.02
C ARG F 88 -7.14 -16.92 16.11
N THR F 89 -7.15 -17.21 14.81
CA THR F 89 -6.28 -16.52 13.88
C THR F 89 -6.67 -15.04 13.77
N SER F 90 -7.96 -14.74 13.77
CA SER F 90 -8.36 -13.34 13.75
C SER F 90 -7.82 -12.62 14.98
N ARG F 91 -7.87 -13.27 16.14
N ARG F 91 -7.86 -13.27 16.14
CA ARG F 91 -7.37 -12.64 17.36
CA ARG F 91 -7.34 -12.66 17.35
C ARG F 91 -5.86 -12.38 17.22
C ARG F 91 -5.85 -12.37 17.21
N ALA F 92 -5.12 -13.27 16.52
CA ALA F 92 -3.68 -13.06 16.29
C ALA F 92 -3.45 -11.86 15.35
N LEU F 93 -4.27 -11.76 14.30
CA LEU F 93 -4.16 -10.64 13.37
C LEU F 93 -4.45 -9.31 14.05
N ILE F 94 -5.46 -9.32 14.95
CA ILE F 94 -5.86 -8.11 15.67
C ILE F 94 -4.78 -7.67 16.66
N GLY F 95 -4.26 -8.63 17.45
CA GLY F 95 -3.29 -8.36 18.48
C GLY F 95 -3.90 -8.17 19.87
N ALA F 96 -3.00 -8.10 20.83
CA ALA F 96 -3.31 -7.99 22.24
C ALA F 96 -4.29 -6.85 22.50
N THR F 97 -5.08 -7.05 23.58
CA THR F 97 -6.09 -6.09 23.98
C THR F 97 -5.50 -4.71 24.18
N ASN F 98 -4.42 -4.67 24.94
CA ASN F 98 -3.64 -3.47 25.14
C ASN F 98 -2.69 -3.33 23.96
N PRO F 99 -2.83 -2.30 23.09
CA PRO F 99 -1.96 -2.15 21.93
C PRO F 99 -0.48 -2.07 22.27
N ALA F 100 -0.13 -1.71 23.51
CA ALA F 100 1.24 -1.72 23.98
C ALA F 100 1.87 -3.10 23.86
N ASP F 101 1.04 -4.14 23.98
CA ASP F 101 1.50 -5.52 23.94
C ASP F 101 1.33 -6.19 22.57
N ALA F 102 0.76 -5.45 21.64
CA ALA F 102 0.50 -5.99 20.31
C ALA F 102 1.69 -5.68 19.41
N PRO F 103 2.32 -6.71 18.84
CA PRO F 103 3.47 -6.40 18.01
C PRO F 103 3.15 -5.70 16.72
N PRO F 104 4.12 -4.97 16.16
CA PRO F 104 3.96 -4.50 14.79
C PRO F 104 3.66 -5.63 13.82
N GLY F 105 2.78 -5.32 12.86
CA GLY F 105 2.24 -6.32 11.97
C GLY F 105 0.80 -6.69 12.31
N THR F 106 0.45 -6.58 13.60
CA THR F 106 -0.95 -6.74 14.00
C THR F 106 -1.69 -5.44 13.73
N ILE F 107 -3.04 -5.53 13.76
CA ILE F 107 -3.83 -4.33 13.53
C ILE F 107 -3.63 -3.34 14.67
N ARG F 108 -3.71 -3.80 15.91
CA ARG F 108 -3.54 -2.90 17.02
C ARG F 108 -2.11 -2.43 17.16
N GLY F 109 -1.17 -3.31 16.83
CA GLY F 109 0.23 -2.94 16.84
C GLY F 109 0.58 -1.83 15.85
N ASP F 110 -0.07 -1.89 14.69
CA ASP F 110 0.21 -0.92 13.64
C ASP F 110 -0.55 0.38 13.79
N PHE F 111 -1.77 0.35 14.41
CA PHE F 111 -2.66 1.50 14.29
C PHE F 111 -3.10 2.08 15.65
N CYS F 112 -2.83 1.47 16.78
CA CYS F 112 -3.47 1.89 18.05
C CYS F 112 -2.47 2.11 19.14
N ILE F 113 -2.90 2.90 20.15
CA ILE F 113 -2.06 3.24 21.27
C ILE F 113 -2.63 2.75 22.59
N GLU F 114 -3.93 2.93 22.79
CA GLU F 114 -4.55 2.75 24.09
C GLU F 114 -5.59 1.64 24.05
N VAL F 115 -5.76 0.96 25.20
CA VAL F 115 -6.71 -0.11 25.31
C VAL F 115 -8.15 0.35 25.01
N GLY F 116 -8.48 1.58 25.38
CA GLY F 116 -9.85 2.04 25.20
C GLY F 116 -10.19 2.47 23.78
N LYS F 117 -9.17 2.57 22.93
CA LYS F 117 -9.36 2.98 21.55
C LYS F 117 -8.57 1.99 20.70
N ASN F 118 -9.08 0.77 20.66
CA ASN F 118 -8.30 -0.32 20.08
C ASN F 118 -8.93 -0.93 18.83
N LEU F 119 -9.75 -0.15 18.13
CA LEU F 119 -10.13 -0.28 16.74
C LEU F 119 -11.18 -1.33 16.40
N ILE F 120 -11.07 -2.51 17.03
CA ILE F 120 -11.76 -3.69 16.56
C ILE F 120 -12.03 -4.65 17.69
N HIS F 121 -13.17 -5.36 17.58
CA HIS F 121 -13.50 -6.46 18.46
C HIS F 121 -13.45 -7.74 17.66
N GLY F 122 -12.92 -8.80 18.25
CA GLY F 122 -13.06 -10.13 17.70
C GLY F 122 -13.46 -11.12 18.78
N SER F 123 -14.31 -12.06 18.41
CA SER F 123 -14.72 -13.09 19.36
C SER F 123 -13.49 -13.80 19.95
N ASP F 124 -13.60 -14.19 21.24
CA ASP F 124 -12.46 -14.81 21.92
C ASP F 124 -12.44 -16.33 21.84
N SER F 125 -13.50 -16.96 21.36
CA SER F 125 -13.60 -18.42 21.31
C SER F 125 -14.75 -18.75 20.37
N VAL F 126 -14.79 -20.00 19.90
CA VAL F 126 -15.88 -20.42 19.06
C VAL F 126 -17.23 -20.26 19.75
N GLU F 127 -17.29 -20.54 21.06
CA GLU F 127 -18.55 -20.38 21.77
C GLU F 127 -18.96 -18.92 21.84
N SER F 128 -18.01 -18.04 22.10
N SER F 128 -18.04 -18.02 22.10
CA SER F 128 -18.32 -16.61 22.10
CA SER F 128 -18.46 -16.63 22.15
C SER F 128 -18.78 -16.15 20.73
C SER F 128 -18.76 -16.10 20.74
N ALA F 129 -18.13 -16.66 19.69
CA ALA F 129 -18.48 -16.28 18.32
C ALA F 129 -19.94 -16.67 18.04
N ARG F 130 -20.32 -17.90 18.40
CA ARG F 130 -21.70 -18.31 18.19
C ARG F 130 -22.70 -17.35 18.83
N ARG F 131 -22.38 -16.97 20.06
CA ARG F 131 -23.27 -16.06 20.81
C ARG F 131 -23.30 -14.67 20.16
N GLU F 132 -22.11 -14.14 19.78
CA GLU F 132 -22.06 -12.79 19.24
C GLU F 132 -22.68 -12.70 17.86
N ILE F 133 -22.51 -13.75 17.04
CA ILE F 133 -23.08 -13.74 15.72
C ILE F 133 -24.60 -13.70 15.82
N ALA F 134 -25.14 -14.48 16.75
CA ALA F 134 -26.58 -14.55 16.93
C ALA F 134 -27.12 -13.23 17.48
N LEU F 135 -26.37 -12.58 18.32
CA LEU F 135 -26.74 -11.29 18.87
C LEU F 135 -26.83 -10.19 17.83
N TRP F 136 -25.84 -10.13 16.92
CA TRP F 136 -25.73 -8.99 16.04
C TRP F 136 -26.41 -9.21 14.69
N PHE F 137 -26.57 -10.46 14.26
CA PHE F 137 -27.01 -10.77 12.92
C PHE F 137 -28.24 -11.66 12.94
N ARG F 138 -29.15 -11.43 12.01
CA ARG F 138 -30.17 -12.39 11.70
C ARG F 138 -29.60 -13.44 10.76
N ALA F 139 -30.21 -14.62 10.68
CA ALA F 139 -29.67 -15.70 9.88
C ALA F 139 -29.67 -15.33 8.41
N ASP F 140 -30.61 -14.52 7.96
CA ASP F 140 -30.68 -14.20 6.54
C ASP F 140 -29.65 -13.17 6.13
N GLU F 141 -28.88 -12.66 7.08
CA GLU F 141 -27.76 -11.78 6.80
C GLU F 141 -26.42 -12.53 6.62
N LEU F 142 -26.43 -13.84 6.90
N LEU F 142 -26.44 -13.84 6.92
CA LEU F 142 -25.23 -14.65 6.84
CA LEU F 142 -25.25 -14.68 6.84
C LEU F 142 -25.29 -15.38 5.51
C LEU F 142 -25.31 -15.37 5.48
N LEU F 143 -24.35 -15.07 4.62
CA LEU F 143 -24.40 -15.58 3.25
C LEU F 143 -23.50 -16.80 3.08
N CYS F 144 -23.96 -17.70 2.24
CA CYS F 144 -23.19 -18.85 1.84
C CYS F 144 -22.82 -18.65 0.37
N TRP F 145 -21.53 -18.66 0.04
CA TRP F 145 -21.09 -18.56 -1.34
C TRP F 145 -19.92 -19.50 -1.61
N GLU F 146 -19.76 -19.90 -2.88
CA GLU F 146 -18.68 -20.80 -3.26
C GLU F 146 -17.45 -19.97 -3.55
N ASP F 147 -16.39 -20.18 -2.77
CA ASP F 147 -15.18 -19.39 -2.85
C ASP F 147 -14.28 -19.95 -3.94
N SER F 148 -14.06 -19.16 -4.98
CA SER F 148 -13.21 -19.54 -6.08
C SER F 148 -11.74 -19.67 -5.67
N ALA F 149 -11.38 -19.14 -4.48
CA ALA F 149 -10.01 -19.24 -4.00
C ALA F 149 -9.81 -20.48 -3.13
N GLY F 150 -10.89 -21.19 -2.79
CA GLY F 150 -10.77 -22.14 -1.70
C GLY F 150 -9.79 -23.26 -2.01
N HIS F 151 -9.71 -23.65 -3.30
CA HIS F 151 -8.76 -24.68 -3.71
C HIS F 151 -7.32 -24.24 -3.47
N TRP F 152 -7.08 -22.94 -3.37
CA TRP F 152 -5.72 -22.44 -3.25
C TRP F 152 -5.38 -22.06 -1.81
N LEU F 153 -6.35 -22.17 -0.90
CA LEU F 153 -6.17 -21.86 0.51
C LEU F 153 -6.19 -23.15 1.34
N TYR F 154 -6.93 -24.18 0.85
CA TYR F 154 -7.15 -25.40 1.62
C TYR F 154 -6.71 -26.64 0.86
N GLU F 155 -6.43 -27.72 1.61
CA GLU F 155 -6.23 -29.06 1.06
C GLU F 155 -7.55 -29.61 0.50
PB ADP G . 7.35 2.94 -26.05
O1B ADP G . 6.47 2.04 -26.88
O2B ADP G . 6.52 3.87 -25.11
O3B ADP G . 8.42 2.16 -25.28
PA ADP G . 9.04 3.60 -28.50
O1A ADP G . 8.76 2.17 -28.88
O2A ADP G . 8.82 4.74 -29.44
O3A ADP G . 8.23 3.86 -27.10
O5' ADP G . 10.60 3.69 -28.06
C5' ADP G . 11.28 2.58 -27.45
C4' ADP G . 12.08 3.14 -26.30
O4' ADP G . 13.07 4.05 -26.84
C3' ADP G . 11.32 4.02 -25.31
O3' ADP G . 10.61 3.23 -24.38
C2' ADP G . 12.46 4.80 -24.68
O2' ADP G . 13.22 4.16 -23.68
C1' ADP G . 13.38 5.01 -25.87
N9 ADP G . 13.22 6.31 -26.51
C8 ADP G . 12.16 6.71 -27.28
N7 ADP G . 12.27 7.96 -27.66
C5 ADP G . 13.49 8.37 -27.11
C6 ADP G . 14.19 9.60 -27.14
N6 ADP G . 13.75 10.66 -27.81
N1 ADP G . 15.36 9.67 -26.48
C2 ADP G . 15.82 8.59 -25.84
N3 ADP G . 15.25 7.40 -25.74
C4 ADP G . 14.08 7.36 -26.40
PB ADP H . -2.92 26.01 -6.93
O1B ADP H . -1.69 26.44 -7.71
O2B ADP H . -3.63 24.84 -7.55
O3B ADP H . -2.64 25.78 -5.43
PA ADP H . -3.87 28.84 -6.86
O1A ADP H . -2.41 29.22 -6.75
O2A ADP H . -4.69 29.54 -7.92
O3A ADP H . -3.98 27.26 -7.01
O5' ADP H . -4.63 29.13 -5.45
C5' ADP H . -3.88 28.95 -4.22
C4' ADP H . -4.80 28.24 -3.26
O4' ADP H . -5.95 29.11 -3.04
C3' ADP H . -5.44 26.96 -3.77
O3' ADP H . -4.56 25.87 -3.69
C2' ADP H . -6.66 26.88 -2.86
O2' ADP H . -6.34 26.30 -1.63
C1' ADP H . -7.08 28.34 -2.75
N9 ADP H . -8.17 28.69 -3.64
C8 ADP H . -8.15 28.89 -5.01
N7 ADP H . -9.33 29.17 -5.51
C5 ADP H . -10.17 29.14 -4.40
C6 ADP H . -11.54 29.35 -4.27
N6 ADP H . -12.31 29.64 -5.30
N1 ADP H . -12.07 29.31 -3.01
C2 ADP H . -11.27 29.00 -1.99
N3 ADP H . -9.95 28.78 -1.98
C4 ADP H . -9.47 28.84 -3.24
S SO4 I . 21.19 22.08 -13.87
O1 SO4 I . 21.95 23.15 -13.22
O2 SO4 I . 19.75 22.15 -13.46
O3 SO4 I . 21.31 22.23 -15.34
O4 SO4 I . 21.77 20.78 -13.47
PB ADP J . -21.94 1.73 -15.74
O1B ADP J . -22.80 2.88 -15.34
O2B ADP J . -20.54 2.19 -16.08
O3B ADP J . -22.01 0.55 -14.78
PA ADP J . -24.10 0.85 -17.68
O1A ADP J . -25.01 1.46 -16.65
O2A ADP J . -24.15 1.30 -19.09
O3A ADP J . -22.60 1.13 -17.13
O5' ADP J . -24.20 -0.75 -17.65
C5' ADP J . -24.49 -1.45 -16.42
C4' ADP J . -23.62 -2.68 -16.39
O4' ADP J . -24.02 -3.55 -17.48
C3' ADP J . -22.14 -2.43 -16.65
O3' ADP J . -21.51 -1.89 -15.48
C2' ADP J . -21.72 -3.83 -17.07
O2' ADP J . -21.69 -4.68 -15.95
C1' ADP J . -22.89 -4.23 -17.97
N9 ADP J . -22.68 -3.90 -19.37
C8 ADP J . -22.79 -2.66 -19.95
N7 ADP J . -22.48 -2.66 -21.23
C5 ADP J . -22.15 -3.97 -21.51
C6 ADP J . -21.71 -4.63 -22.68
N6 ADP J . -21.55 -4.04 -23.87
N1 ADP J . -21.46 -5.97 -22.61
C2 ADP J . -21.62 -6.58 -21.43
N3 ADP J . -22.00 -6.07 -20.26
C4 ADP J . -22.24 -4.75 -20.37
S SO4 K . -27.06 19.65 1.67
O1 SO4 K . -27.19 20.91 0.94
O2 SO4 K . -28.35 19.29 2.25
O3 SO4 K . -26.53 18.58 0.77
O4 SO4 K . -26.08 19.89 2.77
PB ADP L . 9.32 -25.02 5.32
O1B ADP L . 10.85 -24.88 5.35
O2B ADP L . 8.67 -24.03 6.27
O3B ADP L . 8.69 -24.84 3.92
PA ADP L . 9.51 -27.99 5.49
O1A ADP L . 10.77 -27.94 4.66
O2A ADP L . 9.59 -28.80 6.75
O3A ADP L . 8.93 -26.51 5.81
O5' ADP L . 8.34 -28.68 4.62
C5' ADP L . 8.31 -28.40 3.20
C4' ADP L . 6.87 -28.11 2.83
O4' ADP L . 6.12 -29.30 3.14
C3' ADP L . 6.13 -27.06 3.66
O3' ADP L . 6.51 -25.75 3.27
C2' ADP L . 4.67 -27.46 3.42
O2' ADP L . 4.12 -26.95 2.22
C1' ADP L . 4.77 -28.98 3.38
N9 ADP L . 4.37 -29.60 4.63
C8 ADP L . 5.11 -29.66 5.78
N7 ADP L . 4.46 -30.26 6.76
C5 ADP L . 3.24 -30.62 6.18
C6 ADP L . 2.12 -31.33 6.67
N6 ADP L . 2.04 -31.80 7.91
N1 ADP L . 1.07 -31.54 5.82
C2 ADP L . 1.17 -31.09 4.56
N3 ADP L . 2.17 -30.43 3.99
C4 ADP L . 3.18 -30.25 4.86
PB ADP M . 19.94 1.44 18.57
O1B ADP M . 19.58 2.08 19.91
O2B ADP M . 19.00 0.31 18.16
O3B ADP M . 20.08 2.49 17.44
PA ADP M . 22.68 1.20 19.60
O1A ADP M . 22.34 2.40 20.41
O2A ADP M . 23.24 0.01 20.32
O3A ADP M . 21.38 0.78 18.76
O5' ADP M . 23.70 1.63 18.41
C5' ADP M . 23.54 2.91 17.70
C4' ADP M . 23.79 2.68 16.24
O4' ADP M . 25.17 2.26 16.05
C3' ADP M . 22.98 1.57 15.59
O3' ADP M . 21.67 2.08 15.34
C2' ADP M . 23.84 1.23 14.37
O2' ADP M . 23.69 2.15 13.32
C1' ADP M . 25.23 1.34 14.98
N9 ADP M . 25.76 0.09 15.49
C8 ADP M . 25.38 -0.60 16.62
N7 ADP M . 26.05 -1.70 16.81
C5 ADP M . 26.90 -1.78 15.72
C6 ADP M . 27.86 -2.72 15.33
N6 ADP M . 28.10 -3.83 16.02
N1 ADP M . 28.57 -2.49 14.20
C2 ADP M . 28.29 -1.37 13.50
N3 ADP M . 27.42 -0.41 13.77
C4 ADP M . 26.74 -0.67 14.90
S SO4 N . 1.45 14.24 30.38
O1 SO4 N . 1.25 13.51 31.60
O2 SO4 N . 2.06 15.53 30.65
O3 SO4 N . 2.37 13.46 29.50
O4 SO4 N . 0.17 14.44 29.66
PB ADP O . -10.22 -8.22 23.54
O1B ADP O . -10.75 -9.63 23.36
O2B ADP O . -8.74 -8.08 23.20
O3B ADP O . -11.04 -7.16 22.77
PA ADP O . -11.55 -8.09 26.24
O1A ADP O . -12.62 -8.93 25.61
O2A ADP O . -10.93 -8.61 27.52
O3A ADP O . -10.41 -7.83 25.11
O5' ADP O . -12.12 -6.61 26.56
C5' ADP O . -13.09 -6.08 25.63
C4' ADP O . -12.71 -4.66 25.36
O4' ADP O . -12.78 -3.93 26.61
C3' ADP O . -11.28 -4.40 24.87
O3' ADP O . -11.17 -4.67 23.49
C2' ADP O . -11.07 -2.94 25.26
O2' ADP O . -11.58 -2.00 24.34
C1' ADP O . -11.85 -2.87 26.59
N9 ADP O . -10.99 -2.98 27.76
C8 ADP O . -10.36 -4.10 28.26
N7 ADP O . -9.62 -3.86 29.31
C5 ADP O . -9.79 -2.49 29.52
C6 ADP O . -9.26 -1.61 30.48
N6 ADP O . -8.43 -2.00 31.44
N1 ADP O . -9.67 -0.31 30.41
C2 ADP O . -10.47 0.08 29.43
N3 ADP O . -11.00 -0.65 28.44
C4 ADP O . -10.62 -1.93 28.56
#